data_6DFS
#
_entry.id   6DFS
#
_cell.length_a   269.518
_cell.length_b   269.518
_cell.length_c   45.639
_cell.angle_alpha   90.00
_cell.angle_beta   90.00
_cell.angle_gamma   120.00
#
_symmetry.space_group_name_H-M   'P 63'
#
loop_
_entity.id
_entity.type
_entity.pdbx_description
1 polymer 'mouse TCR alpha chain'
2 polymer 'mouse TCR beta chain'
3 polymer 'H-2 class II histocompatibility antigen, A-D alpha chain'
4 polymer 'H2-Ab1 protein'
5 non-polymer 2-acetamido-2-deoxy-beta-D-glucopyranose
6 water water
#
loop_
_entity_poly.entity_id
_entity_poly.type
_entity_poly.pdbx_seq_one_letter_code
_entity_poly.pdbx_strand_id
1 'polypeptide(L)'
;MEKVEQHESTLSVREGDSAVINCTYTDTASSYFPWYKQEAGKGLHFVIDIRSNVDRKQSQRLIVLLDKKAKRFSLHITAT
QPEDSAIYFCAASPSNSGGSNYKLTFGKGTLLTVTPNIQNPDPAVYQLRDSKSSDKSVCLFTDFDSQTNVSQSKDSDVYI
TDKCVLDMRSMDFKSNSAVAWSNKSDFACANAFNNSIIPEDTFFPSPESS
;
A
2 'polypeptide(L)'
;MTLLEQNPRWRLVPRGQAVNLRCILKNSQYPWMSWYQQDLQKQLQWLFTLRSPGDAEVKSLPGADYLATRVTDTELRLQV
ANMSQGRTLYCTCSAGLGYEQYFGPGTRLTVLEDLKNVFPPEVAVFEPSEAEISHTQKATLVCLATGFYPDHVELSWWVN
GKEVHSGVCTDPQPLKEQPALNDSRYCLSSRLRVSATFWQNPRNHFRCQVQFYGLSENDEWTQDRAKPVTQIVSAEAWGR
AD
;
B
3 'polypeptide(L)'
;DIEADHVGFYGTTVYQSPGDIGQYTHEFDGDELFYVDLDKKKTVWRLPEFGQLILFEPQGGLQCIAAEKHNLGILTKRSN
FTPATNEAPQATVFPKSPVLLGQPNTLICFVDNIFPPVINITWLRNSKSVTDGVYETSFLVNRDHSFHKLSYLTFIPSDD
DIYDCKVEHWGLEEPVLKHWEPE
;
C
4 'polypeptide(L)'
;HLVERLYLVCGEEGAGGGSLVGGSGGGSERHFVHQFKGECYFTNGTQRIRLVTRYIYNREEYLRFDSDVGEYRAVTELGR
HSAEYYNKQYLERTRAELDTACRHNYEETEVPTSLRRLEQPNVAISLSRTEALNHHNTLVCSVTDFYPAKIKVRWFRNGQ
EETVGVSSTQLIRNGDWTFQVLVMLEMTPHQGEVYTCHVEHPSLKSPITVEWRAQ
;
D
#
loop_
_chem_comp.id
_chem_comp.type
_chem_comp.name
_chem_comp.formula
NAG D-saccharide, beta linking 2-acetamido-2-deoxy-beta-D-glucopyranose 'C8 H15 N O6'
#
# COMPACT_ATOMS: atom_id res chain seq x y z
N MET A 1 6.40 9.00 10.18
CA MET A 1 5.78 7.68 9.92
C MET A 1 4.23 7.73 10.05
N GLU A 2 3.62 6.63 9.62
CA GLU A 2 2.34 6.20 10.10
C GLU A 2 2.69 5.08 11.06
N LYS A 3 2.08 5.14 12.26
CA LYS A 3 1.88 3.99 13.12
C LYS A 3 0.41 3.73 12.81
N VAL A 4 0.07 2.47 12.55
CA VAL A 4 -1.34 2.06 12.47
C VAL A 4 -1.46 0.90 13.45
N GLU A 5 -2.24 1.11 14.51
CA GLU A 5 -2.22 0.16 15.65
C GLU A 5 -3.58 -0.50 15.81
N GLN A 6 -3.54 -1.83 15.91
CA GLN A 6 -4.72 -2.65 16.03
C GLN A 6 -4.80 -2.92 17.50
N HIS A 7 -5.65 -2.10 18.17
CA HIS A 7 -6.24 -2.38 19.49
C HIS A 7 -6.81 -3.77 19.37
N GLU A 8 -6.43 -4.71 20.23
CA GLU A 8 -6.99 -6.07 20.21
C GLU A 8 -6.23 -7.09 19.41
N SER A 9 -5.58 -7.98 20.17
CA SER A 9 -4.64 -8.96 19.65
C SER A 9 -5.28 -10.29 19.42
N THR A 10 -6.45 -10.56 20.04
CA THR A 10 -7.27 -11.79 19.79
C THR A 10 -8.79 -11.58 19.92
N LEU A 11 -9.52 -12.44 19.25
CA LEU A 11 -10.94 -12.52 19.42
C LEU A 11 -11.33 -13.98 19.27
N SER A 12 -12.07 -14.45 20.28
CA SER A 12 -12.93 -15.60 20.09
C SER A 12 -14.34 -15.09 20.19
N VAL A 13 -15.11 -15.44 19.16
CA VAL A 13 -16.58 -15.44 19.19
C VAL A 13 -16.98 -16.70 18.43
N ARG A 14 -18.18 -17.27 18.70
CA ARG A 14 -18.65 -18.48 17.97
C ARG A 14 -19.75 -18.06 17.00
N GLU A 15 -19.92 -18.87 15.92
CA GLU A 15 -20.81 -18.65 14.76
C GLU A 15 -21.82 -17.50 14.94
N GLY A 16 -22.29 -16.86 13.87
CA GLY A 16 -23.36 -15.85 14.04
C GLY A 16 -23.20 -14.67 15.03
N ASP A 17 -22.12 -14.63 15.81
CA ASP A 17 -21.71 -13.39 16.51
C ASP A 17 -21.01 -12.48 15.48
N SER A 18 -21.21 -11.17 15.65
CA SER A 18 -20.43 -10.18 14.91
C SER A 18 -19.06 -9.97 15.55
N ALA A 19 -18.01 -10.50 14.89
CA ALA A 19 -16.60 -10.14 15.18
C ALA A 19 -16.30 -8.69 14.74
N VAL A 20 -15.74 -7.90 15.63
CA VAL A 20 -15.34 -6.54 15.32
C VAL A 20 -13.87 -6.28 15.69
N ILE A 21 -13.11 -5.79 14.70
CA ILE A 21 -11.72 -5.43 14.80
C ILE A 21 -11.59 -3.91 14.75
N ASN A 22 -10.79 -3.37 15.64
CA ASN A 22 -10.58 -1.94 15.74
C ASN A 22 -9.11 -1.47 15.53
N CYS A 23 -8.94 -0.43 14.69
CA CYS A 23 -7.63 0.13 14.41
C CYS A 23 -7.65 1.63 14.56
N THR A 24 -6.46 2.17 14.79
CA THR A 24 -6.23 3.59 14.61
C THR A 24 -4.91 3.79 13.93
N TYR A 25 -4.89 4.95 13.27
CA TYR A 25 -3.78 5.50 12.51
C TYR A 25 -3.53 6.94 12.95
N THR A 26 -2.28 7.39 12.80
CA THR A 26 -1.83 8.69 13.33
C THR A 26 -1.93 9.85 12.33
N ASP A 27 -1.58 9.58 11.08
CA ASP A 27 -1.18 10.62 10.15
C ASP A 27 -2.42 11.05 9.40
N THR A 28 -2.72 12.34 9.54
CA THR A 28 -3.98 12.94 9.10
C THR A 28 -4.27 12.88 7.57
N ALA A 29 -3.29 12.39 6.80
CA ALA A 29 -3.32 12.38 5.34
C ALA A 29 -3.67 11.02 4.76
N SER A 30 -3.66 10.01 5.63
CA SER A 30 -3.99 8.66 5.23
C SER A 30 -5.39 8.65 4.67
N SER A 31 -5.58 7.93 3.59
CA SER A 31 -6.92 7.91 2.99
C SER A 31 -7.26 6.63 2.29
N TYR A 32 -6.53 5.57 2.52
CA TYR A 32 -6.89 4.35 1.87
C TYR A 32 -6.60 3.22 2.85
N PHE A 33 -7.66 2.57 3.35
CA PHE A 33 -7.53 1.54 4.35
C PHE A 33 -7.98 0.21 3.87
N PRO A 34 -7.05 -0.60 3.43
CA PRO A 34 -7.40 -1.97 3.13
C PRO A 34 -7.24 -2.85 4.33
N TRP A 35 -7.96 -3.97 4.34
CA TRP A 35 -7.85 -5.01 5.34
C TRP A 35 -7.50 -6.34 4.71
N TYR A 36 -6.69 -7.14 5.39
CA TYR A 36 -6.18 -8.37 4.79
C TYR A 36 -6.41 -9.52 5.74
N LYS A 37 -6.17 -10.75 5.29
CA LYS A 37 -6.63 -11.93 6.04
C LYS A 37 -5.59 -13.02 5.92
N GLN A 38 -5.11 -13.57 7.01
CA GLN A 38 -4.14 -14.66 6.95
C GLN A 38 -4.56 -15.84 7.83
N GLU A 39 -4.74 -16.99 7.16
CA GLU A 39 -5.14 -18.25 7.77
C GLU A 39 -3.89 -19.09 7.91
N ALA A 40 -3.68 -19.65 9.10
CA ALA A 40 -2.98 -20.93 9.23
C ALA A 40 -1.65 -20.97 8.46
N GLY A 41 -0.75 -20.01 8.72
CA GLY A 41 0.49 -19.87 7.93
C GLY A 41 0.37 -20.12 6.41
N LYS A 42 -0.47 -19.32 5.75
CA LYS A 42 -0.60 -19.30 4.29
C LYS A 42 -0.30 -17.83 3.90
N GLY A 43 -0.79 -17.35 2.75
CA GLY A 43 -0.51 -15.95 2.29
C GLY A 43 -1.57 -14.96 2.76
N LEU A 44 -1.37 -13.66 2.50
CA LEU A 44 -2.44 -12.70 2.84
C LEU A 44 -3.38 -12.56 1.70
N HIS A 45 -4.64 -12.35 2.03
CA HIS A 45 -5.73 -12.28 1.09
C HIS A 45 -6.38 -10.91 1.35
N PHE A 46 -6.56 -10.16 0.26
CA PHE A 46 -7.13 -8.82 0.35
C PHE A 46 -8.58 -9.06 0.68
N VAL A 47 -9.16 -8.27 1.55
CA VAL A 47 -10.48 -8.56 1.97
C VAL A 47 -11.39 -7.47 1.58
N ILE A 48 -11.21 -6.31 2.13
CA ILE A 48 -12.09 -5.26 1.77
C ILE A 48 -11.25 -4.00 1.95
N ASP A 49 -11.68 -2.87 1.39
CA ASP A 49 -11.04 -1.57 1.67
C ASP A 49 -12.02 -0.44 1.89
N ILE A 50 -11.53 0.73 2.16
CA ILE A 50 -12.44 1.83 2.29
C ILE A 50 -11.61 3.10 2.11
N ARG A 51 -12.25 4.18 1.61
CA ARG A 51 -11.53 5.46 1.39
C ARG A 51 -12.06 6.54 2.29
N SER A 52 -11.27 7.58 2.46
CA SER A 52 -11.65 8.63 3.39
C SER A 52 -12.78 9.65 2.96
N ASN A 53 -13.34 9.51 1.74
CA ASN A 53 -14.54 10.33 1.27
C ASN A 53 -15.79 9.94 2.07
N VAL A 54 -16.00 8.60 2.06
CA VAL A 54 -17.06 7.89 2.76
C VAL A 54 -16.70 7.67 4.24
N ASP A 55 -17.74 7.55 5.07
CA ASP A 55 -17.57 7.16 6.50
C ASP A 55 -17.92 5.71 6.78
N ARG A 56 -18.65 5.04 5.87
CA ARG A 56 -18.83 3.61 5.99
C ARG A 56 -18.99 2.90 4.69
N LYS A 57 -18.64 1.65 4.62
CA LYS A 57 -18.86 0.85 3.44
C LYS A 57 -19.49 -0.41 3.99
N GLN A 58 -20.04 -1.24 3.12
CA GLN A 58 -20.67 -2.49 3.53
C GLN A 58 -20.77 -3.43 2.37
N SER A 59 -20.24 -4.62 2.47
CA SER A 59 -20.39 -5.52 1.37
C SER A 59 -20.51 -6.96 1.85
N GLN A 60 -21.55 -7.66 1.39
CA GLN A 60 -21.89 -9.01 1.83
C GLN A 60 -22.05 -9.04 3.37
N ARG A 61 -21.38 -9.97 4.08
CA ARG A 61 -21.46 -9.99 5.56
C ARG A 61 -20.60 -8.90 6.24
N LEU A 62 -19.52 -8.48 5.56
CA LEU A 62 -18.53 -7.53 6.10
C LEU A 62 -19.07 -6.14 6.01
N ILE A 63 -18.56 -5.28 6.83
CA ILE A 63 -18.88 -3.88 6.79
C ILE A 63 -17.71 -3.17 7.48
N VAL A 64 -17.23 -2.05 6.91
CA VAL A 64 -16.07 -1.35 7.48
C VAL A 64 -16.35 0.10 7.54
N LEU A 65 -15.79 0.77 8.53
CA LEU A 65 -16.16 2.14 8.76
C LEU A 65 -15.15 2.98 9.53
N LEU A 66 -15.34 4.30 9.44
CA LEU A 66 -14.21 5.21 9.49
C LEU A 66 -14.57 6.59 9.93
N ASP A 67 -14.07 6.99 11.08
CA ASP A 67 -14.29 8.31 11.57
C ASP A 67 -12.93 8.94 11.35
N LYS A 68 -12.81 9.62 10.18
CA LYS A 68 -11.63 10.43 9.78
C LYS A 68 -11.18 11.31 10.94
N LYS A 69 -12.14 12.03 11.52
CA LYS A 69 -11.90 12.93 12.65
C LYS A 69 -11.24 12.22 13.81
N ALA A 70 -11.74 11.03 14.10
CA ALA A 70 -11.24 10.21 15.21
C ALA A 70 -9.89 9.58 14.92
N LYS A 71 -9.67 9.34 13.62
CA LYS A 71 -8.58 8.56 13.07
C LYS A 71 -8.65 7.14 13.61
N ARG A 72 -9.89 6.65 13.59
CA ARG A 72 -10.21 5.31 13.97
C ARG A 72 -11.01 4.69 12.85
N PHE A 73 -10.72 3.42 12.63
CA PHE A 73 -11.45 2.64 11.67
C PHE A 73 -11.54 1.14 12.05
N SER A 74 -12.68 0.56 11.73
CA SER A 74 -13.05 -0.77 12.23
C SER A 74 -13.53 -1.63 11.09
N LEU A 75 -13.33 -2.95 11.21
CA LEU A 75 -13.93 -3.97 10.29
C LEU A 75 -14.91 -4.83 11.08
N HIS A 76 -16.15 -5.00 10.60
CA HIS A 76 -17.18 -5.87 11.22
C HIS A 76 -17.45 -7.08 10.38
N ILE A 77 -16.89 -8.23 10.73
CA ILE A 77 -17.38 -9.48 10.16
C ILE A 77 -18.69 -9.82 10.89
N THR A 78 -19.65 -10.33 10.13
CA THR A 78 -21.04 -10.45 10.58
C THR A 78 -21.50 -11.86 10.24
N ALA A 79 -22.35 -12.42 11.11
CA ALA A 79 -22.74 -13.85 10.96
C ALA A 79 -21.54 -14.78 10.65
N THR A 80 -20.67 -14.87 11.64
CA THR A 80 -19.40 -15.59 11.51
C THR A 80 -19.45 -17.04 11.19
N GLN A 81 -18.34 -17.55 10.72
CA GLN A 81 -18.31 -18.90 10.27
C GLN A 81 -16.94 -19.49 10.44
N PRO A 82 -16.84 -20.68 11.00
CA PRO A 82 -15.55 -21.32 11.17
C PRO A 82 -14.49 -21.04 10.13
N GLU A 83 -14.90 -20.87 8.89
CA GLU A 83 -13.97 -20.64 7.77
C GLU A 83 -13.27 -19.24 7.85
N ASP A 84 -14.01 -18.24 8.34
CA ASP A 84 -13.48 -16.90 8.71
C ASP A 84 -12.28 -16.80 9.64
N SER A 85 -11.93 -17.89 10.28
CA SER A 85 -10.97 -17.81 11.35
C SER A 85 -9.61 -17.62 10.74
N ALA A 86 -9.01 -16.49 11.11
CA ALA A 86 -7.68 -16.08 10.62
C ALA A 86 -7.11 -14.88 11.36
N ILE A 87 -5.88 -14.50 11.03
CA ILE A 87 -5.30 -13.25 11.53
C ILE A 87 -5.62 -12.11 10.55
N TYR A 88 -6.31 -11.08 11.02
CA TYR A 88 -6.79 -10.01 10.17
C TYR A 88 -5.93 -8.78 10.39
N PHE A 89 -5.34 -8.23 9.33
CA PHE A 89 -4.53 -7.04 9.49
C PHE A 89 -5.23 -5.88 8.89
N CYS A 90 -5.23 -4.73 9.54
CA CYS A 90 -5.73 -3.53 8.90
C CYS A 90 -4.49 -2.85 8.38
N ALA A 91 -4.63 -1.81 7.54
CA ALA A 91 -3.46 -1.12 6.93
C ALA A 91 -3.87 0.27 6.43
N ALA A 92 -2.89 1.15 6.28
CA ALA A 92 -3.18 2.50 5.79
C ALA A 92 -2.15 2.97 4.76
N SER A 93 -2.49 4.11 4.14
CA SER A 93 -1.70 4.71 3.06
C SER A 93 -2.33 6.02 2.65
N PRO A 94 -1.53 7.09 2.43
CA PRO A 94 -2.14 8.37 1.97
C PRO A 94 -2.11 8.36 0.45
N SER A 95 -3.30 8.43 -0.16
CA SER A 95 -3.38 8.04 -1.56
C SER A 95 -2.95 9.25 -2.32
N ASN A 96 -2.76 10.37 -1.62
CA ASN A 96 -2.35 11.59 -2.25
C ASN A 96 -1.14 12.32 -1.67
N SER A 97 -0.28 11.53 -1.00
CA SER A 97 1.05 11.96 -0.65
C SER A 97 1.99 11.05 -1.36
N GLY A 98 2.85 11.68 -2.12
CA GLY A 98 3.71 11.01 -3.00
C GLY A 98 4.80 10.26 -2.33
N GLY A 99 5.10 10.58 -1.06
CA GLY A 99 6.14 9.82 -0.30
C GLY A 99 5.86 8.34 -0.03
N SER A 100 4.57 8.00 -0.02
CA SER A 100 4.08 6.67 0.32
C SER A 100 2.75 6.17 -0.34
N ASN A 101 2.08 6.92 -1.25
CA ASN A 101 1.15 6.33 -2.24
C ASN A 101 1.22 4.87 -2.61
N TYR A 102 2.44 4.39 -2.65
CA TYR A 102 2.79 3.12 -3.21
C TYR A 102 3.03 2.03 -2.17
N LYS A 103 2.95 2.45 -0.90
CA LYS A 103 3.17 1.54 0.23
C LYS A 103 2.01 1.57 1.21
N LEU A 104 1.98 0.49 2.00
CA LEU A 104 1.01 0.23 3.08
C LEU A 104 1.74 0.15 4.36
N THR A 105 1.24 0.83 5.37
CA THR A 105 1.63 0.56 6.76
C THR A 105 0.65 -0.42 7.41
N PHE A 106 1.13 -1.45 8.11
CA PHE A 106 0.21 -2.49 8.61
C PHE A 106 0.12 -2.53 10.15
N GLY A 107 -1.10 -2.65 10.67
CA GLY A 107 -1.28 -3.13 12.05
C GLY A 107 -0.66 -4.50 12.37
N LYS A 108 -0.62 -4.78 13.68
CA LYS A 108 0.12 -5.92 14.21
C LYS A 108 -0.49 -7.24 13.91
N GLY A 109 -1.75 -7.28 13.52
CA GLY A 109 -2.55 -8.53 13.51
C GLY A 109 -3.67 -8.50 14.57
N THR A 110 -4.76 -9.21 14.27
CA THR A 110 -5.70 -9.65 15.29
C THR A 110 -6.09 -11.05 14.93
N LEU A 111 -5.88 -12.00 15.86
CA LEU A 111 -6.25 -13.40 15.65
C LEU A 111 -7.72 -13.58 16.05
N LEU A 112 -8.52 -13.88 15.04
CA LEU A 112 -9.92 -14.18 15.16
C LEU A 112 -10.00 -15.66 15.01
N THR A 113 -10.55 -16.31 16.04
CA THR A 113 -10.96 -17.73 16.00
C THR A 113 -12.47 -17.73 16.30
N VAL A 114 -13.19 -18.32 15.35
CA VAL A 114 -14.63 -18.40 15.37
C VAL A 114 -14.90 -19.87 15.55
N THR A 115 -15.61 -20.15 16.65
CA THR A 115 -15.80 -21.52 17.19
C THR A 115 -17.09 -22.12 16.69
N PRO A 116 -17.04 -23.44 16.39
CA PRO A 116 -18.31 -24.01 16.01
C PRO A 116 -19.42 -23.86 17.06
N ASN A 117 -20.61 -24.13 16.56
CA ASN A 117 -21.72 -24.50 17.39
C ASN A 117 -21.87 -25.99 17.18
N ILE A 118 -21.36 -26.76 18.15
CA ILE A 118 -21.79 -28.13 18.35
C ILE A 118 -22.87 -28.02 19.46
N GLN A 119 -24.10 -28.48 19.12
CA GLN A 119 -25.28 -28.69 20.03
C GLN A 119 -25.55 -30.18 20.34
N ASN A 120 -25.01 -31.10 19.50
CA ASN A 120 -24.95 -32.54 19.77
C ASN A 120 -23.50 -33.02 20.10
N PRO A 121 -23.00 -32.58 21.28
CA PRO A 121 -21.67 -33.03 21.70
C PRO A 121 -21.74 -34.42 22.31
N ASP A 122 -20.97 -35.40 21.83
CA ASP A 122 -20.74 -36.58 22.69
C ASP A 122 -19.26 -36.64 23.10
N PRO A 123 -18.90 -35.83 24.15
CA PRO A 123 -17.52 -35.74 24.65
C PRO A 123 -16.92 -37.10 24.81
N ALA A 124 -15.66 -37.32 24.49
CA ALA A 124 -15.12 -38.66 24.69
C ALA A 124 -13.65 -38.81 24.41
N VAL A 125 -13.00 -39.72 25.13
CA VAL A 125 -11.55 -39.82 25.13
C VAL A 125 -11.12 -41.18 24.67
N TYR A 126 -11.06 -41.35 23.37
CA TYR A 126 -10.82 -42.69 22.78
C TYR A 126 -9.31 -42.88 22.74
N GLN A 127 -8.84 -44.09 22.42
CA GLN A 127 -7.40 -44.35 22.31
C GLN A 127 -7.07 -45.23 21.09
N LEU A 128 -5.84 -45.14 20.60
CA LEU A 128 -5.49 -45.59 19.23
C LEU A 128 -4.14 -46.27 19.18
N ARG A 129 -3.88 -47.08 18.13
CA ARG A 129 -2.64 -47.90 18.06
C ARG A 129 -1.95 -47.83 16.69
N ASP A 130 -0.63 -48.00 16.67
CA ASP A 130 0.20 -47.77 15.45
C ASP A 130 0.27 -49.04 14.58
N SER A 131 0.46 -48.86 13.26
CA SER A 131 0.75 -49.98 12.32
C SER A 131 2.18 -50.60 12.47
N LYS A 132 3.21 -50.03 11.81
CA LYS A 132 4.63 -50.53 11.82
C LYS A 132 5.11 -51.14 13.16
N SER A 133 4.70 -50.51 14.27
CA SER A 133 4.83 -51.04 15.63
C SER A 133 3.47 -50.98 16.34
N SER A 134 2.78 -52.12 16.47
CA SER A 134 1.46 -52.22 17.17
C SER A 134 1.40 -51.70 18.61
N ASP A 135 2.56 -51.67 19.30
CA ASP A 135 2.68 -51.21 20.69
C ASP A 135 2.69 -49.67 20.90
N LYS A 136 3.13 -48.87 19.91
CA LYS A 136 3.09 -47.37 20.00
C LYS A 136 1.63 -46.82 20.07
N SER A 137 1.45 -45.71 20.78
CA SER A 137 0.14 -45.39 21.39
C SER A 137 -0.10 -43.88 21.49
N VAL A 138 -1.32 -43.43 21.14
CA VAL A 138 -1.73 -42.01 21.23
C VAL A 138 -3.22 -41.82 21.53
N CYS A 139 -3.56 -40.84 22.35
CA CYS A 139 -4.91 -40.68 22.86
C CYS A 139 -5.58 -39.54 22.15
N LEU A 140 -6.90 -39.59 22.06
CA LEU A 140 -7.67 -38.60 21.31
C LEU A 140 -8.90 -38.17 22.03
N PHE A 141 -9.08 -36.88 22.24
CA PHE A 141 -10.23 -36.36 23.00
C PHE A 141 -11.07 -35.58 21.97
N THR A 142 -12.22 -36.17 21.58
CA THR A 142 -13.09 -35.70 20.46
C THR A 142 -14.38 -35.14 20.97
N ASP A 143 -15.17 -34.67 20.03
CA ASP A 143 -16.62 -34.50 20.17
C ASP A 143 -17.14 -33.63 21.33
N PHE A 144 -16.26 -32.89 21.96
CA PHE A 144 -16.68 -31.98 23.05
C PHE A 144 -17.30 -30.75 22.45
N ASP A 145 -18.15 -30.11 23.26
CA ASP A 145 -18.69 -28.85 22.83
C ASP A 145 -17.45 -27.98 22.74
N SER A 146 -17.57 -26.84 22.02
CA SER A 146 -16.43 -25.96 21.73
C SER A 146 -16.38 -24.81 22.74
N GLN A 147 -16.88 -25.07 23.96
CA GLN A 147 -16.62 -24.22 25.12
C GLN A 147 -15.49 -24.83 25.97
N THR A 148 -15.48 -26.15 26.00
CA THR A 148 -14.37 -26.91 26.50
C THR A 148 -13.13 -26.61 25.74
N ASN A 149 -12.11 -26.11 26.42
CA ASN A 149 -10.76 -26.01 25.81
C ASN A 149 -9.63 -26.80 26.48
N VAL A 150 -8.92 -27.54 25.66
CA VAL A 150 -7.79 -28.26 26.10
C VAL A 150 -6.72 -27.42 26.74
N SER A 151 -5.90 -28.05 27.59
CA SER A 151 -4.80 -27.42 28.29
C SER A 151 -3.53 -28.18 28.04
N GLN A 152 -2.60 -27.41 27.49
CA GLN A 152 -1.15 -27.59 27.44
C GLN A 152 -0.58 -28.58 28.37
N SER A 153 0.22 -29.47 27.86
CA SER A 153 1.05 -30.25 28.75
C SER A 153 1.97 -29.30 29.50
N LYS A 154 2.34 -29.67 30.71
CA LYS A 154 3.44 -28.99 31.41
C LYS A 154 4.53 -29.95 31.86
N ASP A 155 4.22 -31.24 31.91
CA ASP A 155 5.25 -32.28 31.79
C ASP A 155 5.87 -32.27 30.37
N SER A 156 7.20 -32.20 30.31
CA SER A 156 7.87 -31.95 29.03
C SER A 156 8.12 -33.22 28.19
N ASP A 157 7.71 -34.39 28.67
CA ASP A 157 7.67 -35.62 27.87
C ASP A 157 6.26 -36.11 27.60
N VAL A 158 5.27 -35.36 28.06
CA VAL A 158 3.93 -35.49 27.51
C VAL A 158 3.71 -34.33 26.52
N TYR A 159 3.03 -34.70 25.40
CA TYR A 159 2.71 -33.85 24.25
C TYR A 159 1.19 -33.81 24.12
N ILE A 160 0.65 -32.62 24.14
CA ILE A 160 -0.78 -32.46 24.07
C ILE A 160 -0.92 -31.30 23.12
N THR A 161 -1.64 -31.54 22.04
CA THR A 161 -1.86 -30.55 20.99
C THR A 161 -3.05 -29.72 21.36
N ASP A 162 -3.36 -28.78 20.51
CA ASP A 162 -4.41 -27.89 20.79
C ASP A 162 -5.69 -28.38 20.09
N LYS A 163 -6.81 -27.92 20.65
CA LYS A 163 -8.17 -28.07 20.12
C LYS A 163 -8.17 -27.69 18.67
N CYS A 164 -8.64 -28.56 17.79
CA CYS A 164 -8.72 -28.16 16.39
C CYS A 164 -9.93 -28.75 15.62
N VAL A 165 -10.64 -27.87 14.91
CA VAL A 165 -11.98 -28.18 14.35
C VAL A 165 -11.87 -29.04 13.12
N LEU A 166 -12.85 -29.91 12.89
CA LEU A 166 -12.87 -30.75 11.68
C LEU A 166 -14.29 -30.83 11.13
N ASP A 167 -14.40 -30.31 9.89
CA ASP A 167 -15.63 -30.11 9.16
C ASP A 167 -15.73 -31.29 8.17
N MET A 168 -16.79 -32.09 8.36
CA MET A 168 -17.29 -33.07 7.39
C MET A 168 -18.79 -32.71 7.20
N ARG A 169 -19.26 -31.99 6.16
CA ARG A 169 -18.76 -31.73 4.76
C ARG A 169 -19.57 -32.66 3.90
N SER A 170 -19.25 -33.96 3.94
CA SER A 170 -20.15 -35.00 3.41
C SER A 170 -21.52 -34.95 4.09
N MET A 171 -21.49 -34.69 5.39
CA MET A 171 -22.70 -34.57 6.22
C MET A 171 -22.69 -33.11 6.62
N ASP A 172 -23.52 -32.72 7.57
CA ASP A 172 -23.41 -31.36 8.07
C ASP A 172 -23.09 -31.43 9.54
N PHE A 173 -21.79 -31.55 9.83
CA PHE A 173 -21.34 -31.89 11.18
C PHE A 173 -19.85 -31.62 11.41
N LYS A 174 -19.57 -30.71 12.35
CA LYS A 174 -18.20 -30.32 12.73
C LYS A 174 -17.84 -30.85 14.15
N SER A 175 -16.65 -31.45 14.30
CA SER A 175 -16.22 -32.00 15.59
C SER A 175 -14.80 -31.53 16.01
N ASN A 176 -14.72 -30.99 17.23
CA ASN A 176 -13.44 -30.65 17.83
C ASN A 176 -12.58 -31.88 18.16
N SER A 177 -11.26 -31.70 18.28
CA SER A 177 -10.37 -32.81 18.68
C SER A 177 -8.95 -32.37 19.08
N ALA A 178 -8.54 -32.62 20.33
CA ALA A 178 -7.09 -32.59 20.64
C ALA A 178 -6.54 -33.98 20.61
N VAL A 179 -5.23 -34.09 20.52
CA VAL A 179 -4.62 -35.37 20.82
C VAL A 179 -3.56 -35.22 21.86
N ALA A 180 -3.34 -36.32 22.57
CA ALA A 180 -2.29 -36.44 23.52
C ALA A 180 -1.39 -37.62 23.17
N TRP A 181 -0.11 -37.51 23.43
CA TRP A 181 0.72 -38.68 23.44
C TRP A 181 1.89 -38.52 24.36
N SER A 182 2.54 -39.67 24.60
CA SER A 182 3.87 -39.82 25.24
C SER A 182 4.18 -41.28 25.18
N ASN A 183 5.43 -41.65 25.41
CA ASN A 183 5.77 -43.08 25.46
C ASN A 183 5.96 -43.59 26.88
N LYS A 184 6.55 -42.76 27.77
CA LYS A 184 6.93 -43.14 29.15
C LYS A 184 6.01 -44.16 29.82
N SER A 185 6.66 -45.03 30.58
CA SER A 185 6.14 -46.29 31.09
C SER A 185 4.74 -46.20 31.69
N ASP A 186 4.50 -45.19 32.54
CA ASP A 186 3.15 -44.97 33.09
C ASP A 186 2.19 -44.41 32.04
N PHE A 187 2.56 -43.26 31.48
CA PHE A 187 1.65 -42.37 30.70
C PHE A 187 0.19 -42.80 30.78
N ALA A 188 -0.29 -43.60 29.82
CA ALA A 188 -1.68 -44.07 29.82
C ALA A 188 -2.76 -42.95 29.70
N CYS A 189 -4.02 -43.33 29.60
CA CYS A 189 -4.97 -42.53 28.86
C CYS A 189 -6.07 -41.80 29.62
N ALA A 190 -6.80 -42.43 30.54
CA ALA A 190 -7.85 -41.69 31.31
C ALA A 190 -7.31 -40.51 32.10
N ASN A 191 -5.98 -40.41 32.15
CA ASN A 191 -5.30 -39.29 32.76
C ASN A 191 -4.84 -38.17 31.78
N ALA A 192 -4.54 -38.49 30.52
CA ALA A 192 -3.76 -37.56 29.63
C ALA A 192 -4.32 -36.15 29.49
N PHE A 193 -5.64 -36.01 29.54
CA PHE A 193 -6.26 -34.68 29.50
C PHE A 193 -6.63 -34.23 30.90
N ASN A 194 -5.69 -34.35 31.83
CA ASN A 194 -6.06 -34.13 33.22
C ASN A 194 -5.97 -32.70 33.70
N ASN A 195 -4.91 -31.96 33.33
CA ASN A 195 -4.85 -30.49 33.55
C ASN A 195 -6.08 -29.90 32.93
N SER A 196 -6.35 -30.38 31.72
CA SER A 196 -7.49 -29.97 30.91
C SER A 196 -8.81 -30.30 31.64
N ILE A 197 -9.75 -29.39 31.60
CA ILE A 197 -10.96 -29.40 32.46
C ILE A 197 -12.23 -29.77 31.69
N ILE A 198 -12.74 -30.98 31.91
CA ILE A 198 -13.66 -31.67 30.97
C ILE A 198 -15.04 -32.07 31.54
N PRO A 199 -16.08 -32.16 30.66
CA PRO A 199 -17.53 -32.03 30.96
C PRO A 199 -18.15 -32.44 32.31
N GLU A 200 -18.00 -33.69 32.72
CA GLU A 200 -18.78 -34.35 33.81
C GLU A 200 -19.28 -35.60 33.13
N ASP A 201 -20.14 -35.44 32.12
CA ASP A 201 -20.57 -36.59 31.29
C ASP A 201 -19.43 -37.23 30.42
N THR A 202 -18.19 -36.75 30.50
CA THR A 202 -17.18 -37.18 29.51
C THR A 202 -16.97 -38.73 29.43
N PHE A 203 -17.40 -39.34 28.34
CA PHE A 203 -17.33 -40.80 28.18
C PHE A 203 -15.89 -41.33 28.10
N PHE A 204 -15.58 -42.41 28.85
CA PHE A 204 -14.23 -43.08 28.85
C PHE A 204 -14.28 -44.60 28.59
N PRO A 205 -13.57 -45.12 27.57
CA PRO A 205 -13.59 -46.59 27.29
C PRO A 205 -12.61 -47.50 28.09
N SER A 206 -12.84 -48.82 28.04
CA SER A 206 -12.07 -49.82 28.80
C SER A 206 -11.09 -50.62 27.90
N PRO A 207 -9.81 -50.18 27.85
CA PRO A 207 -8.85 -50.73 26.89
C PRO A 207 -8.30 -52.10 27.32
N THR B 2 -2.41 -17.47 -9.67
CA THR B 2 -2.83 -16.18 -10.26
C THR B 2 -1.67 -15.18 -10.04
N LEU B 3 -1.87 -13.94 -10.47
CA LEU B 3 -1.00 -12.77 -10.20
C LEU B 3 0.49 -12.93 -9.97
N LEU B 4 0.98 -13.77 -9.06
CA LEU B 4 2.45 -13.80 -8.84
C LEU B 4 3.02 -15.16 -8.51
N GLU B 5 4.27 -15.38 -8.87
CA GLU B 5 4.93 -16.62 -8.57
C GLU B 5 6.15 -16.18 -7.87
N GLN B 6 6.38 -16.71 -6.68
CA GLN B 6 7.61 -16.45 -5.95
C GLN B 6 8.47 -17.70 -6.11
N ASN B 7 9.72 -17.63 -5.66
CA ASN B 7 10.69 -18.73 -5.84
C ASN B 7 11.94 -18.41 -5.03
N PRO B 8 12.37 -19.28 -4.11
CA PRO B 8 11.68 -20.50 -3.65
C PRO B 8 10.56 -20.19 -2.65
N ARG B 9 10.01 -21.21 -1.99
CA ARG B 9 9.11 -20.96 -0.88
C ARG B 9 9.79 -21.13 0.49
N TRP B 10 10.71 -22.08 0.59
CA TRP B 10 11.32 -22.49 1.87
C TRP B 10 12.87 -22.45 1.72
N ARG B 11 13.59 -21.85 2.68
CA ARG B 11 15.08 -21.80 2.63
C ARG B 11 15.79 -21.60 3.98
N LEU B 12 16.95 -22.26 4.13
CA LEU B 12 17.83 -22.10 5.30
C LEU B 12 18.94 -21.11 4.95
N VAL B 13 19.48 -20.42 5.95
CA VAL B 13 20.41 -19.29 5.74
C VAL B 13 21.67 -19.39 6.61
N PRO B 14 22.55 -20.37 6.33
CA PRO B 14 23.73 -20.60 7.15
C PRO B 14 24.41 -19.28 7.56
N ARG B 15 24.24 -18.84 8.81
CA ARG B 15 24.38 -17.40 9.14
C ARG B 15 25.82 -16.83 9.20
N GLY B 16 26.03 -15.54 8.93
CA GLY B 16 25.03 -14.61 8.40
C GLY B 16 24.72 -14.97 6.94
N GLN B 17 25.76 -14.94 6.09
CA GLN B 17 25.74 -15.45 4.70
C GLN B 17 24.57 -14.91 3.84
N ALA B 18 24.41 -15.42 2.62
CA ALA B 18 23.56 -14.77 1.62
C ALA B 18 22.67 -15.72 0.86
N VAL B 19 21.53 -15.22 0.40
CA VAL B 19 20.67 -16.00 -0.48
C VAL B 19 19.63 -15.06 -1.08
N ASN B 20 19.06 -15.48 -2.21
CA ASN B 20 18.15 -14.63 -2.95
C ASN B 20 17.03 -15.36 -3.63
N LEU B 21 16.09 -14.55 -4.10
CA LEU B 21 14.80 -15.00 -4.55
C LEU B 21 14.21 -14.03 -5.56
N ARG B 22 13.25 -14.55 -6.32
CA ARG B 22 12.76 -13.88 -7.50
C ARG B 22 11.26 -14.04 -7.63
N CYS B 23 10.59 -12.93 -7.87
CA CYS B 23 9.16 -12.93 -7.95
C CYS B 23 8.92 -12.54 -9.37
N ILE B 24 7.93 -13.19 -9.98
CA ILE B 24 7.57 -13.05 -11.40
C ILE B 24 6.11 -12.63 -11.52
N LEU B 25 5.88 -11.55 -12.28
CA LEU B 25 4.55 -10.97 -12.45
C LEU B 25 3.88 -11.84 -13.46
N LYS B 26 2.58 -12.02 -13.34
CA LYS B 26 1.85 -12.88 -14.28
C LYS B 26 0.63 -12.14 -14.75
N ASN B 27 0.77 -10.84 -14.94
CA ASN B 27 -0.30 -10.05 -15.51
C ASN B 27 -0.03 -8.57 -15.28
N SER B 28 -0.11 -7.82 -16.36
CA SER B 28 0.44 -6.50 -16.39
C SER B 28 -0.58 -5.43 -16.11
N GLN B 29 -1.82 -5.80 -15.84
CA GLN B 29 -2.72 -4.86 -15.19
C GLN B 29 -2.28 -4.48 -13.79
N TYR B 30 -1.41 -5.28 -13.18
CA TYR B 30 -0.84 -5.04 -11.85
C TYR B 30 0.69 -4.83 -12.01
N PRO B 31 1.12 -3.64 -12.50
CA PRO B 31 2.50 -3.34 -12.86
C PRO B 31 3.45 -2.91 -11.72
N TRP B 32 2.90 -2.31 -10.67
CA TRP B 32 3.72 -1.89 -9.55
C TRP B 32 4.00 -3.07 -8.65
N MET B 33 5.25 -3.33 -8.41
CA MET B 33 5.58 -4.46 -7.62
C MET B 33 6.41 -4.04 -6.43
N SER B 34 5.88 -4.31 -5.24
CA SER B 34 6.57 -3.99 -4.02
C SER B 34 7.18 -5.31 -3.42
N TRP B 35 8.01 -5.15 -2.39
CA TRP B 35 8.49 -6.23 -1.50
C TRP B 35 8.03 -5.96 -0.04
N TYR B 36 7.48 -6.96 0.66
CA TYR B 36 7.19 -6.86 2.11
C TYR B 36 7.89 -7.99 2.90
N GLN B 37 8.40 -7.69 4.11
CA GLN B 37 8.77 -8.77 5.09
C GLN B 37 7.73 -8.90 6.19
N GLN B 38 7.42 -10.16 6.53
CA GLN B 38 6.67 -10.52 7.74
C GLN B 38 7.68 -11.09 8.73
N ASP B 39 7.83 -10.44 9.89
CA ASP B 39 8.81 -10.89 10.87
C ASP B 39 8.32 -12.15 11.56
N LEU B 40 9.04 -12.52 12.62
CA LEU B 40 8.79 -13.80 13.29
C LEU B 40 7.61 -13.82 14.19
N GLN B 41 7.15 -12.67 14.65
CA GLN B 41 5.88 -12.67 15.34
C GLN B 41 4.72 -12.16 14.45
N LYS B 42 4.66 -12.58 13.18
CA LYS B 42 3.66 -12.04 12.22
C LYS B 42 3.85 -10.48 12.26
N GLN B 43 3.34 -9.64 11.34
CA GLN B 43 3.76 -8.14 11.31
C GLN B 43 4.62 -7.77 10.10
N LEU B 44 3.96 -7.10 9.17
CA LEU B 44 4.50 -6.81 7.87
C LEU B 44 5.21 -5.47 7.92
N GLN B 45 6.34 -5.46 7.24
CA GLN B 45 7.05 -4.24 7.03
C GLN B 45 7.22 -4.11 5.52
N TRP B 46 6.89 -2.93 4.97
CA TRP B 46 7.34 -2.53 3.63
C TRP B 46 8.86 -2.39 3.52
N LEU B 47 9.39 -2.91 2.42
CA LEU B 47 10.82 -2.76 2.07
C LEU B 47 10.98 -1.83 0.86
N PHE B 48 10.47 -2.25 -0.28
CA PHE B 48 10.74 -1.64 -1.55
C PHE B 48 9.51 -1.62 -2.43
N THR B 49 9.38 -0.60 -3.25
CA THR B 49 8.49 -0.66 -4.40
C THR B 49 9.37 -0.20 -5.54
N LEU B 50 9.45 -0.99 -6.62
CA LEU B 50 10.42 -0.70 -7.72
C LEU B 50 9.71 -0.77 -9.07
N ARG B 51 9.44 0.41 -9.63
CA ARG B 51 8.47 0.56 -10.71
C ARG B 51 8.95 0.12 -12.05
N SER B 52 10.16 0.59 -12.39
CA SER B 52 10.70 0.63 -13.76
C SER B 52 11.94 -0.23 -13.78
N PRO B 53 12.19 -0.94 -14.90
CA PRO B 53 13.36 -1.88 -14.81
C PRO B 53 14.70 -1.16 -14.66
N GLY B 54 15.68 -1.89 -14.14
CA GLY B 54 16.92 -1.29 -13.69
C GLY B 54 16.86 -0.42 -12.45
N ASP B 55 15.66 0.06 -12.02
CA ASP B 55 15.46 0.65 -10.66
C ASP B 55 15.93 -0.38 -9.62
N ALA B 56 16.82 0.04 -8.71
CA ALA B 56 17.41 -0.89 -7.72
C ALA B 56 18.07 -0.22 -6.46
N GLU B 57 17.72 -0.73 -5.26
CA GLU B 57 18.12 -0.12 -3.97
C GLU B 57 18.49 -1.11 -2.86
N VAL B 58 19.08 -0.54 -1.82
CA VAL B 58 19.52 -1.27 -0.66
C VAL B 58 18.79 -0.70 0.56
N LYS B 59 18.33 -1.58 1.45
CA LYS B 59 17.89 -1.16 2.79
C LYS B 59 18.56 -2.05 3.79
N SER B 60 19.09 -1.40 4.81
CA SER B 60 19.62 -2.12 5.92
C SER B 60 18.58 -2.09 7.02
N LEU B 61 18.17 -3.29 7.45
CA LEU B 61 17.07 -3.49 8.42
C LEU B 61 17.43 -4.50 9.49
N PRO B 62 16.92 -4.29 10.71
CA PRO B 62 17.12 -5.28 11.78
C PRO B 62 16.25 -6.51 11.56
N GLY B 63 16.79 -7.73 11.56
CA GLY B 63 18.17 -8.06 11.30
C GLY B 63 18.25 -8.79 9.97
N ALA B 64 18.15 -8.01 8.91
CA ALA B 64 18.73 -8.44 7.63
C ALA B 64 19.22 -7.25 6.81
N ASP B 65 19.87 -7.57 5.70
CA ASP B 65 20.31 -6.58 4.75
C ASP B 65 19.82 -7.04 3.39
N TYR B 66 19.33 -6.05 2.64
CA TYR B 66 18.51 -6.27 1.46
C TYR B 66 18.96 -5.43 0.22
N LEU B 67 19.32 -6.16 -0.84
CA LEU B 67 19.48 -5.62 -2.19
C LEU B 67 18.31 -6.07 -3.08
N ALA B 68 17.48 -5.11 -3.42
CA ALA B 68 16.32 -5.35 -4.23
C ALA B 68 16.44 -4.56 -5.50
N THR B 69 15.94 -5.16 -6.57
CA THR B 69 16.22 -4.75 -7.93
C THR B 69 15.08 -5.22 -8.87
N ARG B 70 14.47 -4.29 -9.61
CA ARG B 70 13.39 -4.63 -10.55
C ARG B 70 14.13 -4.85 -11.82
N VAL B 71 14.20 -6.09 -12.26
CA VAL B 71 15.12 -6.39 -13.35
C VAL B 71 14.40 -6.32 -14.73
N THR B 72 13.16 -6.76 -14.84
CA THR B 72 12.40 -6.60 -16.08
C THR B 72 11.05 -6.02 -15.76
N ASP B 73 10.31 -5.66 -16.80
CA ASP B 73 8.87 -5.47 -16.71
C ASP B 73 8.08 -6.42 -15.84
N THR B 74 8.61 -7.63 -15.62
CA THR B 74 7.90 -8.65 -14.88
C THR B 74 8.79 -9.54 -13.97
N GLU B 75 9.99 -9.12 -13.63
CA GLU B 75 10.77 -9.87 -12.63
C GLU B 75 11.09 -8.87 -11.53
N LEU B 76 11.15 -9.34 -10.29
CA LEU B 76 11.64 -8.55 -9.19
C LEU B 76 12.54 -9.44 -8.34
N ARG B 77 13.63 -8.90 -7.83
CA ARG B 77 14.61 -9.74 -7.18
C ARG B 77 15.03 -9.17 -5.85
N LEU B 78 15.29 -10.07 -4.92
CA LEU B 78 15.76 -9.66 -3.61
C LEU B 78 16.92 -10.51 -3.23
N GLN B 79 17.99 -9.85 -2.83
CA GLN B 79 19.05 -10.56 -2.24
C GLN B 79 19.02 -10.12 -0.82
N VAL B 80 19.21 -11.13 0.05
CA VAL B 80 19.07 -10.96 1.48
C VAL B 80 20.22 -11.66 2.18
N ALA B 81 20.90 -10.93 3.08
CA ALA B 81 22.14 -11.40 3.73
C ALA B 81 22.46 -10.53 4.95
N ASN B 82 23.43 -10.98 5.76
CA ASN B 82 23.56 -10.61 7.19
C ASN B 82 22.32 -11.06 7.94
N MET B 83 21.76 -12.19 7.56
CA MET B 83 20.42 -12.49 8.01
C MET B 83 20.46 -13.03 9.43
N SER B 84 20.00 -12.18 10.34
CA SER B 84 20.15 -12.35 11.80
C SER B 84 19.16 -13.38 12.41
N GLN B 85 17.88 -13.02 12.61
CA GLN B 85 16.83 -14.05 12.83
C GLN B 85 15.86 -14.07 11.67
N GLY B 86 15.21 -15.22 11.51
CA GLY B 86 14.17 -15.45 10.53
C GLY B 86 13.11 -14.38 10.25
N ARG B 87 12.44 -14.63 9.10
CA ARG B 87 11.41 -13.76 8.54
C ARG B 87 10.85 -14.46 7.32
N THR B 88 9.69 -13.97 6.87
CA THR B 88 9.08 -14.37 5.60
C THR B 88 8.89 -13.14 4.69
N LEU B 89 9.22 -13.34 3.40
CA LEU B 89 9.21 -12.26 2.42
C LEU B 89 8.08 -12.42 1.43
N TYR B 90 7.26 -11.38 1.26
CA TYR B 90 6.14 -11.41 0.34
C TYR B 90 6.31 -10.38 -0.73
N CYS B 91 6.10 -10.84 -1.96
CA CYS B 91 6.17 -10.02 -3.12
C CYS B 91 4.79 -9.50 -3.28
N THR B 92 4.64 -8.25 -3.66
CA THR B 92 3.28 -7.82 -3.99
C THR B 92 3.21 -7.23 -5.37
N CYS B 93 1.99 -6.95 -5.82
CA CYS B 93 1.80 -6.21 -7.03
C CYS B 93 0.52 -5.44 -7.02
N SER B 94 0.43 -4.41 -7.82
CA SER B 94 -0.69 -3.51 -7.67
C SER B 94 -0.88 -2.74 -8.93
N ALA B 95 -2.14 -2.54 -9.25
CA ALA B 95 -2.56 -1.73 -10.37
C ALA B 95 -2.19 -0.28 -10.16
N GLY B 96 -2.09 0.18 -8.91
CA GLY B 96 -1.68 1.57 -8.71
C GLY B 96 -1.65 2.23 -7.35
N LEU B 97 -1.49 3.53 -7.43
CA LEU B 97 -1.37 4.31 -6.25
C LEU B 97 -2.81 4.52 -5.83
N GLY B 98 -3.11 4.15 -4.58
CA GLY B 98 -4.47 4.22 -3.97
C GLY B 98 -5.21 2.88 -4.03
N TYR B 99 -4.48 1.82 -4.35
CA TYR B 99 -5.05 0.55 -4.70
C TYR B 99 -4.35 -0.58 -3.96
N GLU B 100 -5.20 -1.44 -3.43
CA GLU B 100 -4.82 -2.66 -2.75
C GLU B 100 -3.58 -3.39 -3.32
N GLN B 101 -2.85 -4.04 -2.47
CA GLN B 101 -1.69 -4.74 -2.90
C GLN B 101 -2.24 -6.13 -3.06
N TYR B 102 -1.71 -6.94 -3.98
CA TYR B 102 -2.04 -8.36 -4.07
C TYR B 102 -0.78 -9.05 -3.75
N PHE B 103 -0.88 -9.94 -2.76
CA PHE B 103 0.27 -10.54 -2.14
C PHE B 103 0.62 -11.80 -2.88
N GLY B 104 1.91 -12.12 -2.87
CA GLY B 104 2.38 -13.40 -3.36
C GLY B 104 2.17 -14.53 -2.39
N PRO B 105 2.66 -15.71 -2.78
CA PRO B 105 2.85 -16.88 -1.96
C PRO B 105 4.08 -16.90 -1.08
N GLY B 106 4.92 -15.89 -1.11
CA GLY B 106 5.96 -15.74 -0.08
C GLY B 106 7.15 -16.71 -0.03
N THR B 107 8.16 -16.35 0.77
CA THR B 107 9.33 -17.18 0.98
C THR B 107 9.69 -17.07 2.46
N ARG B 108 9.71 -18.24 3.14
CA ARG B 108 10.12 -18.36 4.54
C ARG B 108 11.63 -18.55 4.62
N LEU B 109 12.25 -17.77 5.48
CA LEU B 109 13.68 -17.74 5.71
C LEU B 109 13.96 -17.95 7.21
N THR B 110 14.45 -19.16 7.54
CA THR B 110 14.84 -19.54 8.91
C THR B 110 16.37 -19.70 8.98
N VAL B 111 16.96 -19.08 9.99
CA VAL B 111 18.40 -19.06 10.17
C VAL B 111 18.87 -20.44 10.61
N LEU B 112 20.15 -20.76 10.42
CA LEU B 112 20.72 -22.08 10.74
C LEU B 112 22.09 -21.92 11.36
N GLU B 113 22.22 -22.27 12.63
CA GLU B 113 23.49 -22.10 13.33
C GLU B 113 24.38 -23.30 13.07
N ASP B 114 23.80 -24.47 12.79
CA ASP B 114 24.57 -25.71 12.54
C ASP B 114 23.82 -26.66 11.63
N LEU B 115 24.44 -27.02 10.52
CA LEU B 115 23.98 -28.15 9.68
C LEU B 115 23.42 -29.33 10.49
N LYS B 116 24.07 -29.59 11.61
CA LYS B 116 23.80 -30.74 12.45
C LYS B 116 22.36 -30.72 12.99
N ASN B 117 21.86 -29.51 13.27
CA ASN B 117 20.50 -29.28 13.77
C ASN B 117 19.34 -29.88 12.94
N VAL B 118 19.61 -30.32 11.73
CA VAL B 118 18.53 -30.55 10.78
C VAL B 118 18.14 -32.03 10.78
N PHE B 119 16.85 -32.30 10.84
CA PHE B 119 16.36 -33.68 10.90
C PHE B 119 15.01 -33.76 10.19
N PRO B 120 14.78 -34.83 9.42
CA PRO B 120 13.46 -35.07 8.85
C PRO B 120 12.48 -35.64 9.81
N PRO B 121 11.20 -35.61 9.48
CA PRO B 121 10.23 -36.27 10.32
C PRO B 121 10.33 -37.77 10.30
N GLU B 122 9.54 -38.34 11.21
CA GLU B 122 9.19 -39.75 11.25
C GLU B 122 7.70 -39.63 11.33
N VAL B 123 6.99 -40.60 10.75
CA VAL B 123 5.54 -40.51 10.66
C VAL B 123 4.93 -41.85 10.95
N ALA B 124 3.70 -41.83 11.43
CA ALA B 124 2.91 -43.03 11.54
C ALA B 124 1.45 -42.64 11.70
N VAL B 125 0.59 -43.65 11.56
CA VAL B 125 -0.85 -43.47 11.51
C VAL B 125 -1.52 -44.31 12.58
N PHE B 126 -2.48 -43.71 13.26
CA PHE B 126 -3.09 -44.34 14.45
C PHE B 126 -4.54 -44.72 14.12
N GLU B 127 -4.75 -46.05 14.06
CA GLU B 127 -5.94 -46.67 13.47
C GLU B 127 -7.04 -46.71 14.57
N PRO B 128 -8.22 -46.11 14.29
CA PRO B 128 -9.14 -45.63 15.37
C PRO B 128 -9.61 -46.65 16.40
N SER B 129 -10.19 -46.14 17.46
CA SER B 129 -10.76 -46.97 18.53
C SER B 129 -12.06 -47.58 18.05
N GLU B 130 -12.20 -48.88 18.26
CA GLU B 130 -13.49 -49.54 18.05
C GLU B 130 -14.62 -48.91 18.87
N ALA B 131 -14.28 -48.30 20.01
CA ALA B 131 -15.26 -47.62 20.87
C ALA B 131 -15.82 -46.35 20.23
N GLU B 132 -14.95 -45.69 19.44
CA GLU B 132 -15.31 -44.52 18.63
C GLU B 132 -16.29 -44.95 17.54
N ILE B 133 -15.90 -46.03 16.87
CA ILE B 133 -16.77 -46.74 15.95
C ILE B 133 -18.14 -46.94 16.65
N SER B 134 -18.22 -47.82 17.65
CA SER B 134 -19.52 -48.17 18.28
C SER B 134 -20.33 -47.09 19.05
N HIS B 135 -19.73 -45.95 19.36
CA HIS B 135 -20.46 -44.90 20.09
C HIS B 135 -20.98 -43.80 19.12
N THR B 136 -20.07 -43.27 18.34
CA THR B 136 -20.34 -42.11 17.48
C THR B 136 -21.04 -42.52 16.20
N GLN B 137 -20.43 -43.53 15.58
CA GLN B 137 -20.69 -44.08 14.24
C GLN B 137 -19.54 -43.77 13.30
N LYS B 138 -18.52 -43.03 13.76
CA LYS B 138 -17.43 -42.53 12.90
C LYS B 138 -16.10 -43.17 13.28
N ALA B 139 -15.01 -42.85 12.57
CA ALA B 139 -13.71 -43.52 12.85
C ALA B 139 -12.42 -42.73 12.47
N THR B 140 -11.79 -42.12 13.49
CA THR B 140 -10.82 -41.04 13.28
C THR B 140 -9.40 -41.55 13.33
N LEU B 141 -8.65 -41.23 12.29
CA LEU B 141 -7.24 -41.56 12.18
C LEU B 141 -6.40 -40.41 12.65
N VAL B 142 -5.10 -40.64 12.73
CA VAL B 142 -4.17 -39.65 13.25
C VAL B 142 -2.82 -39.88 12.64
N CYS B 143 -2.30 -38.85 11.97
CA CYS B 143 -0.92 -38.83 11.52
C CYS B 143 -0.14 -38.22 12.68
N LEU B 144 1.14 -38.52 12.76
CA LEU B 144 1.96 -37.93 13.79
C LEU B 144 3.35 -37.68 13.29
N ALA B 145 3.59 -36.42 13.01
CA ALA B 145 4.87 -35.98 12.47
C ALA B 145 5.81 -35.61 13.57
N THR B 146 6.86 -36.39 13.76
CA THR B 146 7.74 -36.21 14.91
C THR B 146 9.23 -36.04 14.58
N GLY B 147 9.87 -35.19 15.34
CA GLY B 147 11.31 -35.24 15.40
C GLY B 147 11.96 -34.47 14.30
N PHE B 148 11.22 -33.51 13.73
CA PHE B 148 11.71 -32.72 12.57
C PHE B 148 12.22 -31.29 12.91
N TYR B 149 13.40 -30.93 12.41
CA TYR B 149 13.89 -29.55 12.44
C TYR B 149 14.38 -29.18 11.06
N PRO B 150 14.13 -27.96 10.57
CA PRO B 150 13.36 -26.91 11.22
C PRO B 150 11.91 -27.09 10.84
N ASP B 151 11.03 -26.14 11.22
CA ASP B 151 9.59 -26.42 11.14
C ASP B 151 8.96 -26.24 9.77
N HIS B 152 9.72 -26.62 8.74
CA HIS B 152 9.42 -26.49 7.30
C HIS B 152 8.69 -27.74 6.80
N VAL B 153 7.36 -27.82 7.00
CA VAL B 153 6.61 -28.95 6.45
C VAL B 153 5.23 -28.62 5.92
N GLU B 154 4.72 -29.55 5.10
CA GLU B 154 3.33 -29.53 4.69
C GLU B 154 2.88 -31.00 4.70
N LEU B 155 1.68 -31.22 5.21
CA LEU B 155 1.23 -32.53 5.55
C LEU B 155 -0.04 -32.76 4.80
N SER B 156 0.00 -33.82 4.00
CA SER B 156 -1.07 -34.14 3.07
C SER B 156 -1.70 -35.51 3.36
N TRP B 157 -3.03 -35.55 3.32
CA TRP B 157 -3.82 -36.79 3.50
C TRP B 157 -4.32 -37.36 2.14
N TRP B 158 -4.33 -38.70 2.00
CA TRP B 158 -4.64 -39.38 0.72
C TRP B 158 -5.57 -40.60 0.89
N VAL B 159 -6.81 -40.50 0.38
CA VAL B 159 -7.70 -41.67 0.18
C VAL B 159 -7.53 -42.16 -1.27
N ASN B 160 -6.70 -43.20 -1.41
CA ASN B 160 -6.32 -43.81 -2.69
C ASN B 160 -5.80 -42.76 -3.64
N GLY B 161 -4.49 -42.54 -3.63
CA GLY B 161 -3.83 -41.45 -4.39
C GLY B 161 -4.62 -40.19 -4.82
N LYS B 162 -5.65 -39.79 -4.07
CA LYS B 162 -6.49 -38.61 -4.34
C LYS B 162 -6.50 -37.70 -3.10
N GLU B 163 -5.71 -36.62 -3.10
CA GLU B 163 -5.55 -35.76 -1.91
C GLU B 163 -6.96 -35.36 -1.43
N VAL B 164 -7.19 -35.45 -0.11
CA VAL B 164 -8.55 -35.34 0.48
C VAL B 164 -8.57 -34.13 1.43
N HIS B 165 -9.76 -33.56 1.64
CA HIS B 165 -9.92 -32.37 2.48
C HIS B 165 -11.22 -32.33 3.31
N SER B 166 -12.00 -33.41 3.37
CA SER B 166 -13.20 -33.39 4.23
C SER B 166 -12.74 -33.86 5.58
N GLY B 167 -13.52 -33.54 6.61
CA GLY B 167 -13.33 -34.07 7.96
C GLY B 167 -11.89 -34.17 8.43
N VAL B 168 -11.09 -33.19 8.04
CA VAL B 168 -9.68 -33.18 8.40
C VAL B 168 -9.50 -32.00 9.34
N CYS B 169 -8.36 -32.02 10.02
CA CYS B 169 -7.85 -30.91 10.78
C CYS B 169 -6.37 -31.15 11.00
N THR B 170 -5.54 -30.16 10.82
CA THR B 170 -4.15 -30.28 11.25
C THR B 170 -3.93 -29.16 12.25
N ASP B 171 -2.83 -29.29 12.99
CA ASP B 171 -2.46 -28.30 13.98
C ASP B 171 -1.86 -27.11 13.28
N PRO B 172 -2.43 -25.92 13.52
CA PRO B 172 -1.76 -24.70 13.14
C PRO B 172 -0.29 -24.72 13.48
N GLN B 173 0.10 -24.92 14.74
CA GLN B 173 1.53 -24.82 15.12
C GLN B 173 2.15 -26.16 15.37
N PRO B 174 3.32 -26.40 14.76
CA PRO B 174 4.17 -27.50 15.21
C PRO B 174 4.57 -27.35 16.70
N LEU B 175 4.54 -28.45 17.47
CA LEU B 175 4.94 -28.48 18.91
C LEU B 175 6.46 -28.56 19.01
N LYS B 176 7.02 -27.88 20.00
CA LYS B 176 8.43 -28.06 20.35
C LYS B 176 8.54 -29.33 21.19
N GLU B 177 9.32 -30.29 20.72
CA GLU B 177 9.60 -31.46 21.51
C GLU B 177 10.30 -31.11 22.84
N GLN B 178 10.98 -29.97 22.89
CA GLN B 178 11.76 -29.55 24.06
C GLN B 178 11.79 -28.03 24.26
N PRO B 179 10.68 -27.46 24.75
CA PRO B 179 10.45 -26.00 24.71
C PRO B 179 11.61 -25.12 25.18
N ALA B 180 12.33 -25.58 26.20
CA ALA B 180 13.42 -24.79 26.77
C ALA B 180 14.61 -24.64 25.83
N LEU B 181 15.06 -25.71 25.17
CA LEU B 181 16.17 -25.62 24.20
C LEU B 181 15.65 -24.77 22.98
N ASN B 182 16.48 -23.84 22.49
CA ASN B 182 16.05 -22.86 21.47
C ASN B 182 16.28 -23.33 20.04
N ASP B 183 16.40 -24.63 19.87
CA ASP B 183 16.49 -25.21 18.55
C ASP B 183 15.98 -26.62 18.70
N SER B 184 14.83 -26.74 19.35
CA SER B 184 14.26 -28.05 19.55
C SER B 184 13.91 -28.57 18.20
N ARG B 185 13.81 -29.89 18.09
CA ARG B 185 13.14 -30.51 16.96
C ARG B 185 11.64 -30.45 17.27
N TYR B 186 10.78 -30.73 16.29
CA TYR B 186 9.34 -30.35 16.36
C TYR B 186 8.40 -31.55 16.15
N CYS B 187 7.09 -31.33 16.30
CA CYS B 187 6.10 -32.37 16.16
C CYS B 187 4.82 -31.82 15.66
N LEU B 188 3.99 -32.68 15.06
CA LEU B 188 2.73 -32.22 14.50
C LEU B 188 1.73 -33.33 14.33
N SER B 189 0.50 -33.02 14.71
CA SER B 189 -0.58 -33.97 14.56
C SER B 189 -1.68 -33.49 13.61
N SER B 190 -2.29 -34.47 12.91
CA SER B 190 -3.53 -34.25 12.16
C SER B 190 -4.52 -35.43 12.23
N ARG B 191 -5.80 -35.08 12.16
CA ARG B 191 -6.93 -36.00 12.22
C ARG B 191 -7.59 -36.10 10.82
N LEU B 192 -8.04 -37.30 10.44
CA LEU B 192 -8.92 -37.51 9.28
C LEU B 192 -10.10 -38.42 9.62
N ARG B 193 -11.25 -37.80 9.84
CA ARG B 193 -12.47 -38.51 10.27
C ARG B 193 -13.44 -38.85 9.13
N VAL B 194 -13.74 -40.15 9.04
CA VAL B 194 -14.63 -40.74 8.05
C VAL B 194 -15.98 -41.03 8.76
N SER B 195 -16.79 -41.94 8.17
CA SER B 195 -17.90 -42.63 8.85
C SER B 195 -17.48 -44.10 9.03
N ALA B 196 -17.89 -44.74 10.13
CA ALA B 196 -17.36 -46.06 10.54
C ALA B 196 -17.32 -47.02 9.36
N THR B 197 -18.50 -47.13 8.71
CA THR B 197 -18.71 -47.88 7.47
C THR B 197 -17.60 -47.67 6.39
N PHE B 198 -17.21 -46.41 6.16
CA PHE B 198 -16.10 -46.08 5.22
C PHE B 198 -14.79 -46.81 5.59
N TRP B 199 -14.40 -46.65 6.85
CA TRP B 199 -13.22 -47.33 7.40
C TRP B 199 -13.43 -48.85 7.35
N GLN B 200 -14.66 -49.27 7.70
CA GLN B 200 -15.09 -50.69 7.65
C GLN B 200 -15.38 -51.28 6.22
N ASN B 201 -14.79 -50.72 5.16
CA ASN B 201 -14.52 -51.48 3.91
C ASN B 201 -12.97 -51.61 3.71
N PRO B 202 -12.43 -52.86 3.79
CA PRO B 202 -10.99 -53.12 3.57
C PRO B 202 -10.36 -52.79 2.19
N ARG B 203 -11.19 -52.45 1.20
CA ARG B 203 -10.71 -52.13 -0.16
C ARG B 203 -9.78 -50.90 -0.19
N ASN B 204 -10.16 -49.87 0.59
CA ASN B 204 -9.38 -48.62 0.74
C ASN B 204 -7.96 -48.80 1.32
N HIS B 205 -7.07 -47.93 0.85
CA HIS B 205 -5.76 -47.66 1.45
C HIS B 205 -5.81 -46.17 1.89
N PHE B 206 -5.46 -45.92 3.16
CA PHE B 206 -5.30 -44.57 3.70
C PHE B 206 -3.81 -44.39 4.04
N ARG B 207 -3.23 -43.29 3.59
CA ARG B 207 -1.84 -42.91 3.91
C ARG B 207 -1.86 -41.41 4.17
N CYS B 208 -0.87 -40.91 4.91
CA CYS B 208 -0.62 -39.46 4.90
C CYS B 208 0.86 -39.15 5.05
N GLN B 209 1.27 -38.15 4.26
CA GLN B 209 2.67 -37.86 3.93
C GLN B 209 3.02 -36.43 4.30
N VAL B 210 4.30 -36.25 4.59
CA VAL B 210 4.85 -34.99 5.06
C VAL B 210 5.96 -34.53 4.12
N GLN B 211 5.67 -33.47 3.37
CA GLN B 211 6.72 -32.89 2.56
C GLN B 211 7.63 -32.11 3.51
N PHE B 212 8.85 -32.62 3.72
CA PHE B 212 9.80 -31.93 4.58
C PHE B 212 10.78 -31.24 3.68
N TYR B 213 10.56 -29.95 3.44
CA TYR B 213 11.56 -29.15 2.70
C TYR B 213 12.67 -28.97 3.76
N GLY B 214 13.82 -29.55 3.47
CA GLY B 214 14.91 -29.69 4.43
C GLY B 214 16.10 -28.91 3.94
N LEU B 215 17.22 -29.61 3.71
CA LEU B 215 18.42 -28.99 3.13
C LEU B 215 18.67 -29.47 1.71
N SER B 216 19.54 -28.70 1.03
CA SER B 216 19.82 -28.85 -0.40
C SER B 216 20.63 -30.11 -0.70
N GLU B 217 20.24 -30.78 -1.80
CA GLU B 217 20.97 -31.93 -2.32
C GLU B 217 22.49 -31.74 -2.14
N ASN B 218 23.03 -30.60 -2.61
CA ASN B 218 24.48 -30.33 -2.62
C ASN B 218 25.12 -29.76 -1.33
N ASP B 219 24.48 -29.99 -0.17
CA ASP B 219 24.96 -29.39 1.10
C ASP B 219 26.16 -30.11 1.71
N GLU B 220 27.06 -29.34 2.33
CA GLU B 220 28.39 -29.85 2.74
C GLU B 220 28.43 -30.81 3.99
N TRP B 221 27.95 -32.07 3.82
CA TRP B 221 27.61 -33.04 4.91
C TRP B 221 28.69 -34.12 5.20
N THR B 222 28.78 -34.63 6.44
CA THR B 222 29.82 -35.64 6.80
C THR B 222 29.43 -36.61 7.97
N GLN B 223 28.23 -37.17 7.96
CA GLN B 223 27.69 -37.83 9.18
C GLN B 223 27.05 -39.20 8.94
N ASP B 224 26.87 -39.91 10.06
CA ASP B 224 26.39 -41.30 10.07
C ASP B 224 24.87 -41.42 9.96
N ARG B 225 24.14 -40.40 10.43
CA ARG B 225 22.73 -40.24 10.05
C ARG B 225 22.72 -40.17 8.53
N ALA B 226 21.57 -40.42 7.91
CA ALA B 226 21.37 -40.06 6.51
C ALA B 226 21.84 -38.61 6.24
N LYS B 227 21.58 -38.10 5.05
CA LYS B 227 21.69 -36.68 4.85
C LYS B 227 20.29 -36.13 5.16
N PRO B 228 20.21 -35.05 5.95
CA PRO B 228 18.92 -34.50 6.37
C PRO B 228 18.30 -33.60 5.28
N VAL B 229 18.15 -34.17 4.08
CA VAL B 229 17.89 -33.40 2.87
C VAL B 229 16.41 -33.41 2.59
N THR B 230 15.93 -32.40 1.88
CA THR B 230 14.51 -32.37 1.48
C THR B 230 13.96 -33.72 1.07
N GLN B 231 12.68 -33.97 1.29
CA GLN B 231 12.08 -35.25 0.95
C GLN B 231 10.61 -35.32 1.29
N ILE B 232 10.00 -36.42 0.85
CA ILE B 232 8.75 -36.86 1.45
C ILE B 232 9.17 -37.87 2.52
N VAL B 233 8.25 -38.04 3.48
CA VAL B 233 8.13 -39.22 4.36
C VAL B 233 6.62 -39.50 4.57
N SER B 234 6.28 -40.78 4.74
CA SER B 234 4.91 -41.16 5.08
C SER B 234 4.75 -42.56 5.70
N ALA B 235 3.51 -42.85 6.10
CA ALA B 235 3.10 -44.17 6.58
C ALA B 235 1.60 -44.35 6.33
N GLU B 236 1.17 -45.62 6.42
CA GLU B 236 -0.02 -46.13 5.72
C GLU B 236 -0.87 -47.06 6.59
N ALA B 237 -2.17 -47.16 6.29
CA ALA B 237 -3.06 -48.16 6.94
C ALA B 237 -4.38 -48.44 6.17
N TRP B 238 -4.63 -49.72 5.81
CA TRP B 238 -5.82 -50.16 5.03
C TRP B 238 -7.04 -50.24 5.96
N GLY B 239 -8.24 -50.33 5.37
CA GLY B 239 -9.50 -50.46 6.13
C GLY B 239 -9.60 -51.76 6.93
N ARG B 240 -10.72 -51.95 7.64
CA ARG B 240 -10.95 -53.20 8.40
C ARG B 240 -12.42 -53.37 8.87
N ALA B 241 -12.95 -54.59 8.73
CA ALA B 241 -14.13 -55.03 9.49
C ALA B 241 -13.63 -55.54 10.85
N ASP B 242 -13.34 -54.60 11.75
CA ASP B 242 -12.63 -54.79 13.05
C ASP B 242 -11.76 -56.05 13.19
N ASP C 1 -15.24 29.68 -19.26
CA ASP C 1 -16.53 29.71 -18.51
C ASP C 1 -16.64 28.62 -17.41
N ILE C 2 -15.84 28.75 -16.34
CA ILE C 2 -16.01 27.97 -15.05
C ILE C 2 -15.68 28.87 -13.84
N GLU C 3 -16.69 29.17 -13.01
CA GLU C 3 -16.53 30.15 -11.91
C GLU C 3 -16.53 29.47 -10.53
N ALA C 4 -16.33 30.28 -9.48
CA ALA C 4 -16.40 29.92 -8.06
C ALA C 4 -15.37 30.72 -7.25
N ASP C 5 -15.63 30.90 -5.96
CA ASP C 5 -14.92 31.89 -5.12
C ASP C 5 -13.41 31.75 -5.01
N HIS C 6 -12.87 30.54 -5.15
CA HIS C 6 -11.38 30.34 -5.20
C HIS C 6 -11.08 29.20 -6.17
N VAL C 7 -9.79 29.04 -6.50
CA VAL C 7 -9.31 27.93 -7.34
C VAL C 7 -7.90 27.49 -6.95
N GLY C 8 -7.71 26.18 -6.88
CA GLY C 8 -6.43 25.58 -6.58
C GLY C 8 -5.95 24.72 -7.73
N PHE C 9 -4.65 24.84 -7.98
CA PHE C 9 -3.95 23.96 -8.90
C PHE C 9 -2.96 23.15 -8.04
N TYR C 10 -3.42 22.00 -7.55
CA TYR C 10 -2.57 21.04 -6.85
C TYR C 10 -2.23 19.90 -7.82
N GLY C 11 -2.26 20.26 -9.10
CA GLY C 11 -1.51 19.59 -10.16
C GLY C 11 -0.67 20.64 -10.89
N THR C 12 -0.69 20.61 -12.23
CA THR C 12 0.15 21.41 -13.15
C THR C 12 1.43 20.70 -13.33
N THR C 13 1.46 20.02 -14.44
CA THR C 13 2.58 19.24 -14.83
C THR C 13 2.68 19.43 -16.31
N VAL C 14 3.86 19.81 -16.78
CA VAL C 14 4.08 19.86 -18.21
C VAL C 14 5.35 19.14 -18.49
N TYR C 15 5.36 18.45 -19.60
CA TYR C 15 6.55 17.78 -20.06
C TYR C 15 6.49 17.72 -21.57
N GLN C 16 7.66 17.79 -22.20
CA GLN C 16 7.74 17.99 -23.64
C GLN C 16 9.00 17.35 -24.18
N SER C 17 8.89 16.73 -25.35
CA SER C 17 10.07 16.19 -26.06
C SER C 17 10.09 16.68 -27.51
N PRO C 18 11.24 16.60 -28.21
CA PRO C 18 12.52 16.08 -27.72
C PRO C 18 13.19 16.97 -26.69
N GLY C 19 14.30 16.48 -26.13
CA GLY C 19 15.03 17.18 -25.04
C GLY C 19 14.51 16.91 -23.63
N ASP C 20 13.21 16.57 -23.54
CA ASP C 20 12.49 15.97 -22.38
C ASP C 20 12.64 16.79 -21.04
N ILE C 21 11.66 17.67 -20.85
CA ILE C 21 11.84 18.96 -20.19
C ILE C 21 10.65 19.17 -19.31
N GLY C 22 10.85 19.16 -17.99
CA GLY C 22 9.66 19.13 -17.11
C GLY C 22 9.52 20.21 -16.07
N GLN C 23 8.27 20.54 -15.73
CA GLN C 23 8.02 21.17 -14.42
C GLN C 23 6.77 20.67 -13.67
N TYR C 24 6.83 20.77 -12.33
CA TYR C 24 5.70 20.46 -11.44
C TYR C 24 5.56 21.68 -10.54
N THR C 25 4.38 22.29 -10.50
CA THR C 25 4.17 23.48 -9.67
C THR C 25 2.78 23.44 -9.13
N HIS C 26 2.52 24.11 -8.01
CA HIS C 26 1.15 24.25 -7.46
C HIS C 26 0.81 25.75 -7.38
N GLU C 27 -0.36 26.13 -7.89
CA GLU C 27 -0.86 27.53 -7.86
C GLU C 27 -2.16 27.61 -7.00
N PHE C 28 -2.43 28.79 -6.43
CA PHE C 28 -3.67 29.10 -5.69
C PHE C 28 -4.13 30.57 -5.88
N ASP C 29 -5.19 30.75 -6.68
CA ASP C 29 -5.59 32.03 -7.27
C ASP C 29 -4.44 32.63 -8.09
N GLY C 30 -3.96 31.79 -9.04
CA GLY C 30 -2.92 32.15 -10.00
C GLY C 30 -1.60 32.67 -9.47
N ASP C 31 -1.20 32.19 -8.29
CA ASP C 31 0.09 32.55 -7.72
C ASP C 31 0.84 31.22 -7.32
N GLU C 32 1.92 30.90 -8.02
CA GLU C 32 2.81 29.76 -7.70
C GLU C 32 3.10 29.67 -6.21
N LEU C 33 2.80 28.52 -5.62
CA LEU C 33 3.10 28.23 -4.22
C LEU C 33 4.47 27.61 -4.07
N PHE C 34 4.75 26.71 -5.00
CA PHE C 34 6.05 26.02 -5.02
C PHE C 34 6.14 25.34 -6.33
N TYR C 35 7.31 24.80 -6.60
CA TYR C 35 7.59 24.14 -7.87
C TYR C 35 8.47 23.04 -7.36
N VAL C 36 8.55 21.91 -8.03
CA VAL C 36 9.43 20.90 -7.50
C VAL C 36 10.60 20.95 -8.38
N ASP C 37 11.77 21.01 -7.80
CA ASP C 37 13.01 20.91 -8.54
C ASP C 37 13.21 19.45 -8.81
N LEU C 38 13.05 19.04 -10.04
CA LEU C 38 13.11 17.62 -10.32
C LEU C 38 14.47 17.04 -10.32
N ASP C 39 15.51 17.85 -10.21
CA ASP C 39 16.85 17.31 -10.34
C ASP C 39 17.36 17.03 -8.97
N LYS C 40 17.23 18.01 -8.08
CA LYS C 40 17.58 17.80 -6.67
C LYS C 40 16.37 17.27 -5.86
N LYS C 41 15.44 16.61 -6.54
CA LYS C 41 14.17 16.12 -5.99
C LYS C 41 13.77 16.87 -4.74
N LYS C 42 13.46 18.16 -4.84
CA LYS C 42 12.99 18.87 -3.68
C LYS C 42 12.04 19.99 -3.96
N THR C 43 11.33 20.35 -2.94
CA THR C 43 10.27 21.32 -3.07
C THR C 43 10.83 22.68 -2.80
N VAL C 44 10.41 23.65 -3.59
CA VAL C 44 11.01 24.98 -3.62
C VAL C 44 9.93 26.02 -3.45
N TRP C 45 9.93 26.62 -2.29
CA TRP C 45 8.78 27.41 -1.92
C TRP C 45 8.95 28.75 -2.58
N ARG C 46 7.92 29.14 -3.33
CA ARG C 46 7.86 30.49 -3.89
C ARG C 46 8.25 31.58 -2.87
N LEU C 47 7.92 31.46 -1.56
CA LEU C 47 8.26 32.54 -0.59
C LEU C 47 8.91 32.11 0.75
N PRO C 48 10.06 31.40 0.73
CA PRO C 48 10.66 30.69 1.90
C PRO C 48 9.84 30.32 3.17
N GLU C 49 9.22 31.27 3.86
CA GLU C 49 8.34 30.94 5.02
C GLU C 49 6.93 30.43 4.61
N PHE C 50 6.74 30.14 3.33
CA PHE C 50 5.50 29.55 2.81
C PHE C 50 5.37 28.06 3.24
N GLY C 51 6.53 27.42 3.39
CA GLY C 51 6.64 26.09 3.92
C GLY C 51 7.42 26.09 5.22
N GLN C 52 6.95 26.93 6.15
CA GLN C 52 7.49 26.92 7.51
C GLN C 52 6.91 25.71 8.24
N LEU C 53 5.59 25.77 8.45
CA LEU C 53 4.82 24.67 9.02
C LEU C 53 4.67 23.59 7.93
N ILE C 54 4.00 23.99 6.84
CA ILE C 54 3.53 23.10 5.77
C ILE C 54 4.61 22.26 5.02
N LEU C 55 4.23 21.06 4.62
CA LEU C 55 5.10 20.10 3.92
C LEU C 55 4.62 19.86 2.49
N PHE C 56 5.56 19.58 1.56
CA PHE C 56 5.17 18.89 0.30
C PHE C 56 6.15 17.82 -0.06
N GLU C 57 5.63 16.65 -0.33
CA GLU C 57 6.51 15.51 -0.50
C GLU C 57 6.81 15.46 -2.00
N PRO C 58 8.08 15.66 -2.37
CA PRO C 58 8.34 16.00 -3.72
C PRO C 58 8.01 14.86 -4.65
N GLN C 59 8.15 13.63 -4.16
CA GLN C 59 8.01 12.47 -5.00
C GLN C 59 6.69 12.40 -5.73
N GLY C 60 5.67 13.16 -5.28
CA GLY C 60 4.40 13.30 -6.00
C GLY C 60 4.61 13.97 -7.34
N GLY C 61 5.30 15.12 -7.30
CA GLY C 61 5.75 15.83 -8.49
C GLY C 61 6.52 14.87 -9.35
N LEU C 62 7.55 14.23 -8.82
CA LEU C 62 8.32 13.35 -9.67
C LEU C 62 7.49 12.28 -10.38
N GLN C 63 6.46 11.78 -9.69
CA GLN C 63 5.62 10.72 -10.26
C GLN C 63 4.83 11.38 -11.41
N CYS C 64 4.00 12.37 -11.10
CA CYS C 64 3.30 13.12 -12.12
C CYS C 64 4.14 13.39 -13.37
N ILE C 65 5.39 13.82 -13.22
CA ILE C 65 6.28 13.96 -14.35
C ILE C 65 6.33 12.67 -15.12
N ALA C 66 6.82 11.61 -14.48
CA ALA C 66 7.05 10.36 -15.17
C ALA C 66 5.76 9.72 -15.77
N ALA C 67 4.59 10.21 -15.35
CA ALA C 67 3.31 9.86 -15.99
C ALA C 67 3.23 10.55 -17.31
N GLU C 68 3.36 11.88 -17.25
CA GLU C 68 3.37 12.73 -18.41
C GLU C 68 4.39 12.27 -19.40
N LYS C 69 5.60 12.01 -18.94
CA LYS C 69 6.58 11.50 -19.85
C LYS C 69 5.96 10.31 -20.55
N HIS C 70 5.55 9.28 -19.82
CA HIS C 70 4.98 8.11 -20.47
C HIS C 70 3.74 8.48 -21.29
N ASN C 71 2.82 9.23 -20.71
CA ASN C 71 1.64 9.76 -21.43
C ASN C 71 1.88 10.51 -22.74
N LEU C 72 3.08 11.08 -22.91
CA LEU C 72 3.51 11.72 -24.15
C LEU C 72 3.73 10.65 -25.20
N GLY C 73 4.81 9.87 -25.10
CA GLY C 73 5.04 8.73 -26.04
C GLY C 73 3.76 8.09 -26.61
N ILE C 74 2.78 7.86 -25.75
CA ILE C 74 1.54 7.19 -26.14
C ILE C 74 0.49 8.15 -26.75
N LEU C 75 0.60 9.48 -26.56
CA LEU C 75 -0.23 10.45 -27.34
C LEU C 75 0.52 11.12 -28.52
N THR C 76 1.82 10.85 -28.63
CA THR C 76 2.64 11.25 -29.80
C THR C 76 2.18 10.41 -31.00
N LYS C 77 2.25 9.10 -30.83
CA LYS C 77 1.94 8.14 -31.88
C LYS C 77 0.43 8.04 -32.17
N ARG C 78 -0.41 8.71 -31.39
CA ARG C 78 -1.87 8.63 -31.55
C ARG C 78 -2.50 9.91 -32.11
N SER C 79 -1.71 10.98 -32.24
CA SER C 79 -2.06 12.16 -33.06
C SER C 79 -1.43 12.06 -34.47
N ASN C 80 -1.15 10.82 -34.89
CA ASN C 80 -0.15 10.43 -35.93
C ASN C 80 1.34 10.73 -35.61
N PHE C 81 1.62 11.79 -34.86
CA PHE C 81 2.92 12.47 -34.75
C PHE C 81 2.80 14.00 -34.90
N THR C 82 1.59 14.58 -35.02
CA THR C 82 1.40 16.06 -34.89
C THR C 82 2.35 16.78 -33.90
N PRO C 83 3.14 17.77 -34.37
CA PRO C 83 3.83 18.70 -33.43
C PRO C 83 3.07 20.00 -33.06
N ALA C 84 3.80 20.87 -32.36
CA ALA C 84 3.21 21.93 -31.59
C ALA C 84 3.13 23.29 -32.29
N THR C 85 1.94 23.87 -32.31
CA THR C 85 1.74 25.24 -32.80
C THR C 85 2.53 26.22 -31.91
N ASN C 86 3.80 26.49 -32.29
CA ASN C 86 4.61 27.60 -31.71
C ASN C 86 3.83 28.87 -31.84
N GLU C 87 3.68 29.57 -30.75
CA GLU C 87 3.00 30.83 -30.75
C GLU C 87 4.06 31.79 -30.30
N ALA C 88 3.95 33.04 -30.73
CA ALA C 88 4.98 34.01 -30.44
C ALA C 88 4.54 34.85 -29.20
N PRO C 89 5.47 35.08 -28.22
CA PRO C 89 5.31 35.75 -26.88
C PRO C 89 4.67 37.14 -26.82
N GLN C 90 4.81 37.89 -25.73
CA GLN C 90 4.08 39.17 -25.62
C GLN C 90 4.43 39.94 -24.38
N ALA C 91 5.72 40.25 -24.26
CA ALA C 91 6.26 40.97 -23.10
C ALA C 91 5.53 42.28 -22.68
N THR C 92 5.77 42.67 -21.43
CA THR C 92 5.26 43.90 -20.83
C THR C 92 6.16 44.17 -19.65
N VAL C 93 6.34 45.44 -19.31
CA VAL C 93 7.24 45.79 -18.21
C VAL C 93 6.64 46.89 -17.42
N PHE C 94 6.86 46.79 -16.11
CA PHE C 94 6.44 47.76 -15.13
C PHE C 94 7.37 47.52 -13.92
N PRO C 95 7.13 48.21 -12.78
CA PRO C 95 7.97 48.03 -11.59
C PRO C 95 7.20 47.60 -10.34
N LYS C 96 7.93 47.32 -9.27
CA LYS C 96 7.35 46.94 -7.97
C LYS C 96 6.69 48.18 -7.33
N SER C 97 7.48 49.03 -6.68
CA SER C 97 6.96 50.29 -6.13
C SER C 97 6.72 51.26 -7.30
N PRO C 98 6.17 52.47 -7.01
CA PRO C 98 6.30 53.54 -7.99
C PRO C 98 7.68 54.19 -7.72
N VAL C 99 8.31 54.80 -8.75
CA VAL C 99 9.81 54.94 -8.80
C VAL C 99 10.43 56.05 -7.94
N LEU C 100 11.51 55.71 -7.23
CA LEU C 100 12.00 56.46 -6.06
C LEU C 100 13.51 56.62 -6.13
N LEU C 101 13.98 57.48 -7.03
CA LEU C 101 15.43 57.62 -7.36
C LEU C 101 16.37 57.86 -6.16
N GLY C 102 16.97 56.77 -5.67
CA GLY C 102 17.79 56.77 -4.46
C GLY C 102 17.70 55.45 -3.70
N GLN C 103 16.47 54.98 -3.52
CA GLN C 103 16.12 53.75 -2.73
C GLN C 103 15.71 52.59 -3.67
N PRO C 104 16.11 51.33 -3.35
CA PRO C 104 15.64 50.15 -4.12
C PRO C 104 14.16 50.09 -4.59
N ASN C 105 14.01 49.43 -5.73
CA ASN C 105 12.72 49.11 -6.32
C ASN C 105 13.01 47.80 -7.05
N THR C 106 12.02 47.26 -7.77
CA THR C 106 12.21 46.04 -8.51
C THR C 106 11.40 46.08 -9.81
N LEU C 107 12.05 45.62 -10.87
CA LEU C 107 11.58 45.82 -12.20
C LEU C 107 11.19 44.47 -12.73
N ILE C 108 9.98 44.34 -13.29
CA ILE C 108 9.45 43.02 -13.73
C ILE C 108 8.94 42.92 -15.17
N CYS C 109 9.49 41.97 -15.92
CA CYS C 109 9.03 41.67 -17.27
C CYS C 109 7.96 40.56 -17.16
N PHE C 110 6.79 40.76 -17.77
CA PHE C 110 5.65 39.79 -17.82
C PHE C 110 5.50 39.25 -19.21
N VAL C 111 5.99 38.06 -19.47
CA VAL C 111 5.82 37.42 -20.77
C VAL C 111 4.60 36.49 -20.82
N ASP C 112 3.62 36.79 -21.69
CA ASP C 112 2.37 36.00 -21.88
C ASP C 112 2.47 35.12 -23.16
N ASN C 113 1.37 34.47 -23.56
CA ASN C 113 1.31 33.55 -24.72
C ASN C 113 2.67 32.86 -25.08
N ILE C 114 3.26 32.19 -24.08
CA ILE C 114 4.39 31.28 -24.34
C ILE C 114 3.82 29.93 -24.65
N PHE C 115 4.53 29.17 -25.48
CA PHE C 115 4.22 27.80 -25.74
C PHE C 115 4.99 27.37 -26.96
N PRO C 116 5.71 26.25 -26.94
CA PRO C 116 5.93 25.41 -25.78
C PRO C 116 6.85 26.08 -24.78
N PRO C 117 6.70 25.77 -23.49
CA PRO C 117 7.43 26.53 -22.47
C PRO C 117 8.93 26.22 -22.42
N VAL C 118 9.66 26.81 -23.36
CA VAL C 118 11.09 27.12 -23.17
C VAL C 118 11.29 28.56 -23.61
N ILE C 119 12.12 29.29 -22.89
CA ILE C 119 12.31 30.70 -23.17
C ILE C 119 13.58 31.17 -22.48
N ASN C 120 14.19 32.24 -22.99
CA ASN C 120 15.14 33.05 -22.19
C ASN C 120 14.45 34.35 -21.97
N ILE C 121 14.55 34.85 -20.74
CA ILE C 121 14.18 36.22 -20.44
C ILE C 121 15.38 36.77 -19.69
N THR C 122 16.03 37.76 -20.33
CA THR C 122 17.29 38.38 -19.91
C THR C 122 17.08 39.86 -19.67
N TRP C 123 17.97 40.47 -18.89
CA TRP C 123 17.84 41.90 -18.54
C TRP C 123 18.95 42.76 -19.12
N LEU C 124 18.58 43.92 -19.64
CA LEU C 124 19.53 44.88 -20.23
C LEU C 124 19.45 46.26 -19.55
N ARG C 125 20.65 46.69 -19.12
CA ARG C 125 20.93 48.03 -18.61
C ARG C 125 21.71 48.84 -19.66
N ASN C 126 21.01 49.76 -20.35
CA ASN C 126 21.57 50.59 -21.43
C ASN C 126 22.14 49.73 -22.55
N SER C 127 21.50 48.59 -22.76
CA SER C 127 22.06 47.48 -23.54
C SER C 127 23.47 46.92 -23.14
N LYS C 128 23.80 46.99 -21.83
CA LYS C 128 24.76 46.04 -21.19
C LYS C 128 23.99 44.87 -20.52
N SER C 129 24.54 43.65 -20.62
CA SER C 129 23.89 42.41 -20.11
C SER C 129 23.83 42.23 -18.57
N VAL C 130 22.65 42.43 -17.98
CA VAL C 130 22.46 42.33 -16.51
C VAL C 130 22.07 40.93 -15.96
N THR C 131 22.99 40.32 -15.21
CA THR C 131 22.82 38.96 -14.64
C THR C 131 22.54 38.91 -13.10
N ASP C 132 22.75 40.00 -12.34
CA ASP C 132 22.59 39.99 -10.85
C ASP C 132 21.33 40.66 -10.33
N GLY C 133 20.80 40.11 -9.22
CA GLY C 133 19.53 40.57 -8.64
C GLY C 133 18.32 40.21 -9.49
N VAL C 134 18.40 39.05 -10.17
CA VAL C 134 17.37 38.59 -11.12
C VAL C 134 16.68 37.32 -10.61
N TYR C 135 15.36 37.33 -10.53
CA TYR C 135 14.62 36.11 -10.16
C TYR C 135 13.55 35.85 -11.22
N GLU C 136 13.48 34.61 -11.70
CA GLU C 136 12.43 34.20 -12.66
C GLU C 136 11.35 33.41 -11.91
N THR C 137 10.18 33.26 -12.51
CA THR C 137 9.24 32.29 -12.00
C THR C 137 9.29 31.04 -12.84
N SER C 138 8.66 30.00 -12.33
CA SER C 138 8.22 28.88 -13.14
C SER C 138 7.11 29.33 -14.10
N PHE C 139 6.89 28.49 -15.10
CA PHE C 139 5.89 28.76 -16.10
C PHE C 139 4.53 28.63 -15.42
N LEU C 140 3.83 29.75 -15.31
CA LEU C 140 2.49 29.75 -14.73
C LEU C 140 1.55 29.28 -15.83
N VAL C 141 0.27 29.06 -15.53
CA VAL C 141 -0.65 28.44 -16.54
C VAL C 141 -1.82 29.36 -16.90
N ASN C 142 -2.11 29.38 -18.20
CA ASN C 142 -3.20 30.19 -18.72
C ASN C 142 -4.29 29.25 -19.21
N ARG C 143 -5.55 29.61 -18.95
CA ARG C 143 -6.72 28.80 -19.28
C ARG C 143 -6.66 28.09 -20.65
N ASP C 144 -5.99 28.69 -21.61
CA ASP C 144 -5.89 28.13 -22.98
C ASP C 144 -4.68 27.22 -23.26
N HIS C 145 -3.87 26.93 -22.24
CA HIS C 145 -2.73 25.98 -22.31
C HIS C 145 -1.43 26.53 -22.93
N SER C 146 -1.41 27.82 -23.21
CA SER C 146 -0.18 28.59 -23.18
C SER C 146 0.40 28.51 -21.76
N PHE C 147 1.41 29.33 -21.51
CA PHE C 147 1.83 29.62 -20.16
C PHE C 147 2.03 31.12 -20.12
N HIS C 148 2.25 31.68 -18.93
CA HIS C 148 2.96 32.96 -18.81
C HIS C 148 4.24 32.84 -17.94
N LYS C 149 4.96 33.93 -17.64
CA LYS C 149 6.26 33.86 -16.87
C LYS C 149 6.64 35.22 -16.36
N LEU C 150 7.67 35.30 -15.52
CA LEU C 150 7.93 36.57 -14.82
C LEU C 150 9.37 36.71 -14.30
N SER C 151 10.15 37.61 -14.91
CA SER C 151 11.53 37.88 -14.47
C SER C 151 11.52 39.18 -13.68
N TYR C 152 12.45 39.25 -12.72
CA TYR C 152 12.45 40.25 -11.65
C TYR C 152 13.85 40.82 -11.58
N LEU C 153 13.96 42.16 -11.48
CA LEU C 153 15.24 42.84 -11.33
C LEU C 153 15.25 43.89 -10.23
N THR C 154 16.17 43.69 -9.27
CA THR C 154 16.46 44.63 -8.19
C THR C 154 17.58 45.55 -8.65
N PHE C 155 17.38 46.86 -8.41
CA PHE C 155 18.24 47.93 -8.95
C PHE C 155 18.17 49.19 -8.11
N ILE C 156 19.14 50.08 -8.30
CA ILE C 156 19.19 51.40 -7.67
C ILE C 156 18.70 52.45 -8.71
N PRO C 157 17.44 52.94 -8.62
CA PRO C 157 16.78 53.64 -9.76
C PRO C 157 17.34 55.04 -10.17
N SER C 158 18.59 55.06 -10.63
CA SER C 158 19.30 56.28 -11.02
C SER C 158 18.93 56.70 -12.45
N ASP C 159 18.18 57.79 -12.56
CA ASP C 159 18.09 58.54 -13.82
C ASP C 159 19.41 59.36 -13.90
N ASP C 160 20.39 59.03 -14.76
CA ASP C 160 20.24 58.38 -16.07
C ASP C 160 20.81 56.94 -16.18
N ASP C 161 19.91 55.96 -16.06
CA ASP C 161 20.10 54.57 -16.51
C ASP C 161 18.80 54.18 -17.23
N ILE C 162 18.91 53.42 -18.32
CA ILE C 162 17.75 52.95 -19.12
C ILE C 162 17.65 51.39 -19.25
N TYR C 163 16.42 50.87 -19.14
CA TYR C 163 16.16 49.44 -18.85
C TYR C 163 15.33 48.63 -19.86
N ASP C 164 15.96 47.53 -20.28
CA ASP C 164 15.55 46.76 -21.43
C ASP C 164 15.36 45.26 -21.11
N CYS C 165 14.23 44.66 -21.54
CA CYS C 165 13.92 43.21 -21.35
C CYS C 165 13.98 42.43 -22.67
N LYS C 166 14.88 41.45 -22.78
CA LYS C 166 15.03 40.67 -24.02
C LYS C 166 14.57 39.18 -23.89
N VAL C 167 13.76 38.77 -24.89
CA VAL C 167 12.90 37.60 -24.85
C VAL C 167 13.15 36.69 -26.06
N GLU C 168 14.18 35.88 -25.95
CA GLU C 168 14.64 35.07 -27.09
C GLU C 168 13.80 33.76 -27.16
N HIS C 169 12.68 33.79 -27.88
CA HIS C 169 11.81 32.60 -27.96
C HIS C 169 12.09 31.70 -29.18
N TRP C 170 11.04 31.17 -29.82
CA TRP C 170 11.09 30.20 -30.91
C TRP C 170 10.07 30.62 -31.96
N GLY C 171 8.79 30.71 -31.56
CA GLY C 171 7.69 31.24 -32.39
C GLY C 171 7.97 32.55 -33.10
N LEU C 172 8.80 33.37 -32.46
CA LEU C 172 9.51 34.47 -33.14
C LEU C 172 10.97 34.09 -33.57
N GLU C 174 15.84 37.45 -34.49
CA GLU C 174 14.47 37.16 -34.06
C GLU C 174 13.92 37.76 -32.73
N PRO C 175 14.81 38.08 -31.71
CA PRO C 175 14.42 38.60 -30.36
C PRO C 175 13.35 39.68 -30.25
N VAL C 176 13.04 40.05 -29.01
CA VAL C 176 12.11 41.15 -28.78
C VAL C 176 12.54 41.78 -27.47
N LEU C 177 12.93 43.05 -27.56
CA LEU C 177 13.28 43.87 -26.39
C LEU C 177 12.02 44.61 -26.01
N LYS C 178 11.89 44.89 -24.71
CA LYS C 178 10.96 45.88 -24.23
C LYS C 178 11.68 46.76 -23.28
N HIS C 179 12.16 47.85 -23.85
CA HIS C 179 12.22 49.11 -23.15
C HIS C 179 10.92 49.19 -22.34
N TRP C 180 10.96 49.92 -21.24
CA TRP C 180 9.76 50.16 -20.45
C TRP C 180 8.69 51.02 -21.24
N GLU C 181 8.17 52.14 -20.71
CA GLU C 181 6.85 52.72 -21.12
C GLU C 181 6.21 53.57 -19.96
N PRO C 182 4.91 53.99 -20.06
CA PRO C 182 4.38 55.19 -19.36
C PRO C 182 5.23 55.89 -18.25
N LEU D 2 3.66 19.02 11.67
CA LEU D 2 3.48 19.99 10.56
C LEU D 2 2.37 19.51 9.60
N VAL D 3 1.38 20.36 9.30
CA VAL D 3 0.43 20.13 8.19
C VAL D 3 1.11 19.68 6.85
N GLU D 4 0.41 18.97 5.94
CA GLU D 4 0.95 18.51 4.60
C GLU D 4 0.05 18.77 3.42
N ARG D 5 0.59 19.46 2.41
CA ARG D 5 -0.11 19.71 1.15
C ARG D 5 -0.02 18.46 0.29
N LEU D 6 -1.14 18.13 -0.32
CA LEU D 6 -1.28 16.87 -1.01
C LEU D 6 -1.61 17.10 -2.45
N TYR D 7 -1.55 16.06 -3.27
CA TYR D 7 -1.57 16.23 -4.68
C TYR D 7 -2.44 15.29 -5.50
N LEU D 8 -3.12 15.81 -6.52
CA LEU D 8 -3.90 14.94 -7.41
C LEU D 8 -2.99 14.12 -8.24
N VAL D 9 -3.33 12.88 -8.47
CA VAL D 9 -2.38 11.90 -9.01
C VAL D 9 -2.55 11.74 -10.51
N CYS D 10 -1.44 11.81 -11.23
N CYS D 10 -1.44 11.76 -11.22
CA CYS D 10 -1.45 11.77 -12.69
CA CYS D 10 -1.48 11.75 -12.68
C CYS D 10 -1.61 10.33 -13.15
C CYS D 10 -1.65 10.31 -13.10
N GLY D 11 -2.69 10.03 -13.87
CA GLY D 11 -2.94 8.65 -14.38
C GLY D 11 -2.19 8.23 -15.64
N GLU D 12 -1.44 7.13 -15.62
CA GLU D 12 -0.82 6.60 -16.85
C GLU D 12 -1.84 6.05 -17.93
N GLU D 13 -1.34 5.48 -19.04
CA GLU D 13 -2.15 4.62 -19.95
C GLU D 13 -1.24 3.60 -20.53
N GLY D 14 -1.64 2.33 -20.56
CA GLY D 14 -0.73 1.28 -21.04
C GLY D 14 -0.69 1.28 -22.56
N ALA D 15 0.30 0.60 -23.14
CA ALA D 15 0.27 0.30 -24.58
C ALA D 15 1.27 -0.80 -24.94
N ARG D 30 10.09 20.44 -35.02
CA ARG D 30 9.13 19.39 -34.65
C ARG D 30 9.26 19.02 -33.16
N HIS D 31 8.56 19.77 -32.31
CA HIS D 31 8.57 19.58 -30.85
C HIS D 31 7.14 19.22 -30.39
N PHE D 32 7.08 18.29 -29.41
CA PHE D 32 5.81 17.80 -28.78
C PHE D 32 5.66 18.08 -27.24
N VAL D 33 4.48 18.60 -26.87
CA VAL D 33 4.15 18.94 -25.49
C VAL D 33 3.05 17.97 -24.96
N HIS D 34 3.28 17.39 -23.77
CA HIS D 34 2.17 16.95 -22.87
C HIS D 34 1.89 17.91 -21.67
N GLN D 35 0.64 18.04 -21.31
CA GLN D 35 0.28 18.74 -20.10
C GLN D 35 -0.74 17.92 -19.31
N PHE D 36 -0.90 18.31 -18.03
CA PHE D 36 -1.84 17.74 -17.05
C PHE D 36 -2.23 18.84 -16.09
N LYS D 37 -3.49 19.20 -15.94
CA LYS D 37 -3.84 20.23 -14.93
C LYS D 37 -4.65 19.52 -13.84
N GLY D 38 -4.51 19.99 -12.61
CA GLY D 38 -5.23 19.44 -11.46
C GLY D 38 -6.06 20.54 -10.84
N GLU D 39 -7.26 20.71 -11.39
CA GLU D 39 -8.13 21.84 -10.98
C GLU D 39 -9.12 21.52 -9.86
N CYS D 40 -8.89 22.15 -8.69
CA CYS D 40 -9.86 22.16 -7.58
C CYS D 40 -10.47 23.57 -7.44
N TYR D 41 -11.79 23.73 -7.69
CA TYR D 41 -12.50 25.03 -7.49
C TYR D 41 -13.42 24.98 -6.26
N PHE D 42 -13.48 26.07 -5.50
CA PHE D 42 -14.20 26.11 -4.23
C PHE D 42 -15.25 27.24 -4.11
N THR D 43 -16.44 26.93 -3.55
CA THR D 43 -17.49 27.96 -3.29
C THR D 43 -17.81 28.06 -1.77
N ASN D 44 -17.40 29.18 -1.13
CA ASN D 44 -17.41 29.36 0.36
C ASN D 44 -16.37 28.46 1.07
N GLY D 45 -15.54 27.78 0.26
CA GLY D 45 -14.78 26.61 0.70
C GLY D 45 -15.64 25.37 0.79
N THR D 46 -15.24 24.47 1.69
CA THR D 46 -16.16 23.59 2.42
C THR D 46 -17.39 23.09 1.60
N GLN D 47 -18.41 23.96 1.44
CA GLN D 47 -19.70 23.58 0.83
C GLN D 47 -19.58 23.43 -0.70
N ARG D 48 -20.16 22.35 -1.27
CA ARG D 48 -20.23 22.12 -2.73
C ARG D 48 -18.94 22.51 -3.53
N ILE D 49 -18.13 21.50 -3.89
CA ILE D 49 -16.73 21.69 -4.38
C ILE D 49 -16.50 20.88 -5.67
N ARG D 50 -15.63 21.39 -6.54
CA ARG D 50 -15.51 20.83 -7.89
C ARG D 50 -14.08 20.50 -8.30
N LEU D 51 -13.95 19.55 -9.22
CA LEU D 51 -12.62 19.04 -9.55
C LEU D 51 -12.52 18.53 -10.98
N VAL D 52 -11.58 19.13 -11.71
CA VAL D 52 -11.34 18.73 -13.08
C VAL D 52 -9.92 18.36 -13.21
N THR D 53 -9.68 17.27 -13.94
CA THR D 53 -8.33 16.92 -14.26
C THR D 53 -8.25 16.68 -15.73
N ARG D 54 -7.54 17.62 -16.37
CA ARG D 54 -7.36 17.71 -17.82
C ARG D 54 -6.12 16.95 -18.17
N TYR D 55 -6.16 16.25 -19.29
CA TYR D 55 -5.00 15.52 -19.81
C TYR D 55 -4.80 15.96 -21.25
N ILE D 56 -3.76 16.76 -21.47
CA ILE D 56 -3.69 17.68 -22.61
C ILE D 56 -2.56 17.35 -23.58
N TYR D 57 -2.88 17.31 -24.90
CA TYR D 57 -1.87 17.14 -26.00
C TYR D 57 -1.66 18.40 -26.79
N ASN D 58 -0.39 18.83 -26.84
CA ASN D 58 -0.03 20.15 -27.32
C ASN D 58 -1.00 21.16 -26.68
N ARG D 59 -2.03 21.62 -27.37
CA ARG D 59 -2.99 22.53 -26.77
C ARG D 59 -4.40 21.93 -26.64
N GLU D 60 -4.57 20.68 -27.11
CA GLU D 60 -5.88 20.01 -27.22
C GLU D 60 -6.14 19.22 -25.93
N GLU D 61 -7.17 19.60 -25.18
CA GLU D 61 -7.54 18.88 -23.94
C GLU D 61 -8.25 17.51 -24.19
N TYR D 62 -7.48 16.45 -24.48
CA TYR D 62 -8.07 15.20 -25.05
C TYR D 62 -8.95 14.34 -24.16
N LEU D 63 -8.53 14.23 -22.89
CA LEU D 63 -9.18 13.42 -21.82
C LEU D 63 -9.63 14.34 -20.64
N ARG D 64 -10.42 13.85 -19.69
CA ARG D 64 -10.85 14.73 -18.59
C ARG D 64 -11.75 14.01 -17.58
N PHE D 65 -11.67 14.44 -16.34
CA PHE D 65 -12.54 13.94 -15.30
C PHE D 65 -13.15 15.14 -14.60
N ASP D 66 -14.47 15.27 -14.65
CA ASP D 66 -15.16 16.28 -13.83
C ASP D 66 -15.74 15.62 -12.59
N SER D 67 -15.68 16.32 -11.44
CA SER D 67 -16.33 15.86 -10.22
C SER D 67 -17.84 15.78 -10.40
N ASP D 68 -18.39 16.66 -11.25
CA ASP D 68 -19.82 16.68 -11.58
C ASP D 68 -20.26 15.63 -12.62
N VAL D 69 -19.33 14.97 -13.31
CA VAL D 69 -19.65 13.82 -14.15
C VAL D 69 -19.28 12.50 -13.43
N GLY D 70 -18.50 12.57 -12.34
CA GLY D 70 -17.98 11.40 -11.64
C GLY D 70 -17.48 10.27 -12.54
N GLU D 71 -17.02 10.58 -13.76
CA GLU D 71 -16.46 9.58 -14.67
C GLU D 71 -15.44 10.24 -15.59
N TYR D 72 -14.42 9.47 -15.97
CA TYR D 72 -13.44 9.94 -16.98
C TYR D 72 -14.06 9.99 -18.37
N ARG D 73 -14.56 11.17 -18.75
CA ARG D 73 -15.00 11.47 -20.14
C ARG D 73 -13.82 11.42 -21.17
N ALA D 74 -14.09 11.71 -22.44
CA ALA D 74 -13.11 12.37 -23.33
C ALA D 74 -13.74 13.74 -23.71
N VAL D 75 -12.95 14.64 -24.31
CA VAL D 75 -13.53 15.82 -25.02
C VAL D 75 -13.35 15.69 -26.53
N THR D 76 -12.26 15.05 -26.94
CA THR D 76 -11.91 14.96 -28.33
C THR D 76 -11.97 13.51 -28.82
N GLU D 77 -11.56 13.33 -30.07
CA GLU D 77 -11.43 12.02 -30.73
C GLU D 77 -10.16 11.28 -30.30
N LEU D 78 -9.29 11.96 -29.58
CA LEU D 78 -8.03 11.39 -29.11
C LEU D 78 -8.15 10.79 -27.69
N GLY D 79 -9.27 11.10 -27.01
CA GLY D 79 -9.72 10.35 -25.81
C GLY D 79 -10.80 9.28 -26.03
N ARG D 80 -10.53 8.34 -26.93
CA ARG D 80 -11.39 7.17 -27.18
C ARG D 80 -10.79 5.96 -26.47
N HIS D 81 -9.53 5.69 -26.79
CA HIS D 81 -8.72 4.60 -26.21
C HIS D 81 -8.00 4.97 -24.89
N SER D 82 -8.20 6.20 -24.41
CA SER D 82 -7.93 6.56 -23.01
C SER D 82 -9.19 6.23 -22.21
N ALA D 83 -10.19 7.11 -22.25
CA ALA D 83 -11.23 7.19 -21.20
C ALA D 83 -11.94 5.88 -20.67
N GLU D 84 -11.81 4.75 -21.39
CA GLU D 84 -12.20 3.45 -20.85
C GLU D 84 -11.21 3.13 -19.75
N TYR D 85 -9.94 2.94 -20.16
CA TYR D 85 -8.80 2.58 -19.28
C TYR D 85 -8.60 3.47 -18.06
N TYR D 86 -9.14 4.68 -18.07
CA TYR D 86 -9.05 5.52 -16.89
C TYR D 86 -10.16 5.22 -15.91
N ASN D 87 -11.34 4.85 -16.40
CA ASN D 87 -12.38 4.42 -15.48
C ASN D 87 -12.09 3.00 -14.90
N LYS D 88 -11.67 2.10 -15.79
CA LYS D 88 -11.19 0.78 -15.41
C LYS D 88 -9.75 0.80 -14.88
N GLN D 89 -9.22 1.91 -14.37
CA GLN D 89 -8.07 1.84 -13.43
C GLN D 89 -7.97 2.93 -12.38
N TYR D 90 -8.55 4.09 -12.61
CA TYR D 90 -8.27 5.19 -11.71
C TYR D 90 -9.56 5.71 -11.09
N LEU D 91 -10.68 5.03 -11.35
CA LEU D 91 -12.00 5.69 -11.21
C LEU D 91 -12.38 6.07 -9.76
N GLU D 92 -12.25 5.10 -8.84
CA GLU D 92 -12.74 5.29 -7.46
C GLU D 92 -11.75 6.15 -6.72
N ARG D 93 -10.46 5.85 -6.92
CA ARG D 93 -9.44 6.69 -6.33
C ARG D 93 -9.54 8.14 -6.70
N THR D 94 -9.81 8.37 -7.98
CA THR D 94 -9.97 9.70 -8.55
C THR D 94 -11.18 10.42 -7.97
N ARG D 95 -12.30 9.69 -7.80
CA ARG D 95 -13.55 10.33 -7.33
C ARG D 95 -13.35 10.84 -5.93
N ALA D 96 -12.60 10.01 -5.20
CA ALA D 96 -12.19 10.35 -3.86
C ALA D 96 -11.40 11.63 -3.78
N GLU D 97 -10.59 11.92 -4.82
CA GLU D 97 -9.64 13.06 -4.81
C GLU D 97 -10.31 14.35 -4.35
N LEU D 98 -11.59 14.49 -4.66
CA LEU D 98 -12.35 15.65 -4.20
C LEU D 98 -12.25 15.93 -2.69
N ASP D 99 -12.32 14.86 -1.92
CA ASP D 99 -12.26 15.00 -0.50
C ASP D 99 -10.83 14.66 -0.11
N THR D 100 -10.21 13.63 -0.70
CA THR D 100 -8.88 13.18 -0.20
C THR D 100 -7.84 14.30 -0.29
N ALA D 101 -7.95 15.12 -1.35
CA ALA D 101 -6.97 16.16 -1.75
C ALA D 101 -7.53 17.62 -1.80
N CYS D 102 -8.49 17.90 -2.69
CA CYS D 102 -9.06 19.25 -2.76
C CYS D 102 -9.41 19.73 -1.36
N ARG D 103 -10.39 19.06 -0.74
CA ARG D 103 -10.84 19.40 0.61
C ARG D 103 -9.67 19.51 1.61
N HIS D 104 -8.86 18.46 1.70
CA HIS D 104 -7.80 18.38 2.70
C HIS D 104 -6.91 19.60 2.66
N ASN D 105 -6.54 19.96 1.43
CA ASN D 105 -5.67 21.10 1.12
C ASN D 105 -6.34 22.42 1.51
N TYR D 106 -7.61 22.56 1.10
CA TYR D 106 -8.34 23.76 1.44
C TYR D 106 -8.23 23.98 2.95
N GLU D 107 -8.74 23.01 3.72
CA GLU D 107 -8.90 23.18 5.16
C GLU D 107 -7.55 23.18 5.87
N GLU D 108 -6.74 22.17 5.64
CA GLU D 108 -5.54 21.98 6.49
C GLU D 108 -4.35 22.94 6.17
N THR D 109 -4.33 23.53 4.96
CA THR D 109 -3.14 24.28 4.44
C THR D 109 -3.39 25.73 3.98
N GLU D 110 -4.38 25.95 3.12
CA GLU D 110 -4.62 27.32 2.60
C GLU D 110 -5.09 28.28 3.72
N VAL D 111 -5.90 27.75 4.64
CA VAL D 111 -6.47 28.56 5.69
C VAL D 111 -5.41 29.06 6.68
N PRO D 112 -4.55 28.18 7.22
CA PRO D 112 -3.43 28.72 8.06
C PRO D 112 -2.24 29.45 7.34
N THR D 113 -2.36 29.71 6.02
CA THR D 113 -1.39 30.51 5.23
C THR D 113 -2.07 31.47 4.25
N SER D 114 -2.46 30.94 3.10
CA SER D 114 -2.81 31.74 1.93
C SER D 114 -4.25 32.26 1.96
N LEU D 115 -4.69 32.73 3.13
CA LEU D 115 -6.02 33.34 3.31
C LEU D 115 -5.92 34.22 4.57
N ARG D 116 -5.37 33.66 5.65
CA ARG D 116 -4.89 34.43 6.81
C ARG D 116 -3.38 34.76 6.72
N ARG D 117 -2.94 35.12 5.52
CA ARG D 117 -2.05 36.25 5.39
C ARG D 117 -2.77 37.17 4.37
N LEU D 118 -2.89 38.44 4.76
CA LEU D 118 -3.23 39.54 3.88
C LEU D 118 -2.03 40.50 3.94
N GLU D 119 -1.91 41.36 2.93
CA GLU D 119 -0.97 42.48 2.94
C GLU D 119 -1.69 43.77 2.46
N GLN D 120 -1.47 44.86 3.18
CA GLN D 120 -2.19 46.14 2.98
C GLN D 120 -1.57 46.96 1.82
N PRO D 121 -2.39 47.79 1.11
CA PRO D 121 -1.82 48.62 0.02
C PRO D 121 -0.83 49.74 0.45
N ASN D 122 -0.34 50.49 -0.54
CA ASN D 122 0.60 51.59 -0.34
C ASN D 122 0.21 52.79 -1.21
N VAL D 140 -6.18 59.96 -11.35
CA VAL D 140 -4.87 59.45 -11.77
C VAL D 140 -4.15 58.75 -10.58
N CYS D 141 -4.75 57.65 -10.10
CA CYS D 141 -4.36 56.99 -8.82
C CYS D 141 -3.95 55.50 -8.99
N SER D 142 -2.75 55.14 -8.50
CA SER D 142 -2.16 53.74 -8.54
C SER D 142 -1.59 53.21 -7.18
N VAL D 143 -1.94 51.97 -6.82
CA VAL D 143 -1.77 51.41 -5.46
C VAL D 143 -1.04 50.03 -5.47
N THR D 144 -0.03 49.89 -4.59
CA THR D 144 0.93 48.76 -4.64
C THR D 144 0.95 47.82 -3.44
N ASP D 145 1.42 46.58 -3.69
CA ASP D 145 1.81 45.60 -2.64
C ASP D 145 0.63 45.01 -1.80
N PHE D 146 -0.56 45.01 -2.41
CA PHE D 146 -1.81 44.63 -1.72
C PHE D 146 -2.19 43.17 -1.94
N TYR D 147 -2.81 42.56 -0.93
CA TYR D 147 -3.30 41.18 -0.98
C TYR D 147 -4.35 40.96 0.12
N PRO D 148 -5.50 40.29 -0.13
CA PRO D 148 -5.96 39.72 -1.41
C PRO D 148 -6.42 40.69 -2.50
N ALA D 149 -7.06 40.13 -3.53
CA ALA D 149 -7.39 40.85 -4.76
C ALA D 149 -8.48 41.90 -4.64
N LYS D 150 -9.42 41.75 -3.72
CA LYS D 150 -10.62 42.61 -3.67
C LYS D 150 -10.29 44.03 -3.18
N ILE D 151 -10.71 45.05 -3.96
CA ILE D 151 -10.44 46.46 -3.64
C ILE D 151 -11.41 47.39 -4.40
N LYS D 152 -11.56 48.64 -3.92
CA LYS D 152 -12.47 49.64 -4.52
C LYS D 152 -12.10 51.10 -4.15
N GLN D 170 -5.73 48.92 -15.83
CA GLN D 170 -6.57 47.92 -15.16
C GLN D 170 -5.73 47.00 -14.23
N LEU D 171 -6.37 45.97 -13.66
CA LEU D 171 -5.76 45.03 -12.69
C LEU D 171 -4.55 44.21 -13.21
N ILE D 172 -3.42 44.24 -12.48
CA ILE D 172 -2.20 43.46 -12.84
C ILE D 172 -1.90 42.40 -11.78
N ARG D 173 -1.66 41.16 -12.23
CA ARG D 173 -1.11 40.13 -11.33
C ARG D 173 0.40 40.12 -11.53
N ASN D 174 1.06 40.27 -10.40
CA ASN D 174 2.50 40.43 -10.28
C ASN D 174 3.17 39.12 -9.93
N GLY D 175 2.36 38.14 -9.49
CA GLY D 175 2.80 36.73 -9.37
C GLY D 175 3.82 36.44 -8.28
N ASP D 176 3.98 37.42 -7.37
CA ASP D 176 4.85 37.33 -6.18
C ASP D 176 4.02 37.55 -4.90
N TRP D 177 2.72 37.30 -5.04
CA TRP D 177 1.74 37.43 -3.96
C TRP D 177 1.69 38.89 -3.52
N THR D 178 1.53 39.76 -4.52
CA THR D 178 1.27 41.19 -4.35
C THR D 178 0.58 41.67 -5.64
N PHE D 179 -0.17 42.77 -5.56
CA PHE D 179 -1.05 43.25 -6.66
C PHE D 179 -0.95 44.77 -7.01
N GLN D 180 -1.48 45.12 -8.19
CA GLN D 180 -1.54 46.51 -8.71
C GLN D 180 -2.79 46.74 -9.64
N VAL D 181 -3.29 47.99 -9.71
CA VAL D 181 -4.48 48.36 -10.56
C VAL D 181 -4.51 49.88 -10.97
N LEU D 182 -5.19 50.22 -12.09
CA LEU D 182 -5.13 51.57 -12.73
C LEU D 182 -6.53 52.11 -13.09
N VAL D 183 -6.89 53.30 -12.58
CA VAL D 183 -8.32 53.75 -12.56
C VAL D 183 -8.66 55.19 -13.13
N MET D 184 -9.18 55.19 -14.36
CA MET D 184 -9.51 56.42 -15.13
C MET D 184 -10.56 56.09 -16.17
N THR D 196 -9.66 64.16 -2.52
CA THR D 196 -8.77 63.11 -2.03
C THR D 196 -9.04 61.82 -2.85
N CYS D 197 -8.17 60.83 -2.64
CA CYS D 197 -8.26 59.53 -3.31
C CYS D 197 -8.65 58.46 -2.25
N HIS D 198 -9.74 57.71 -2.49
CA HIS D 198 -10.25 56.64 -1.58
C HIS D 198 -10.13 55.22 -2.19
N VAL D 199 -9.24 54.44 -1.58
CA VAL D 199 -9.05 53.03 -1.93
C VAL D 199 -9.48 52.21 -0.70
N GLU D 200 -10.60 51.52 -0.86
CA GLU D 200 -11.17 50.69 0.20
C GLU D 200 -10.78 49.24 -0.08
N HIS D 201 -10.16 48.59 0.92
CA HIS D 201 -9.60 47.23 0.83
C HIS D 201 -9.95 46.42 2.09
N PRO D 202 -10.44 45.17 1.93
CA PRO D 202 -10.62 44.29 3.10
C PRO D 202 -9.38 43.79 3.93
N SER D 203 -8.29 44.57 4.09
CA SER D 203 -7.15 44.19 4.98
C SER D 203 -6.88 45.19 6.11
N LEU D 204 -7.88 46.03 6.38
CA LEU D 204 -7.67 47.37 6.93
C LEU D 204 -8.64 47.76 8.07
N LYS D 205 -8.21 48.78 8.83
CA LYS D 205 -9.07 49.51 9.78
C LYS D 205 -9.72 50.75 9.10
N SER D 206 -8.86 51.71 8.74
CA SER D 206 -9.24 53.08 8.33
C SER D 206 -8.89 53.30 6.84
N PRO D 207 -9.75 52.81 5.90
CA PRO D 207 -9.43 52.72 4.45
C PRO D 207 -8.43 53.75 3.83
N ILE D 208 -7.12 53.60 4.11
CA ILE D 208 -6.03 54.58 3.76
C ILE D 208 -6.33 55.48 2.52
N THR D 209 -6.21 56.82 2.70
CA THR D 209 -6.41 57.84 1.64
C THR D 209 -5.39 59.01 1.67
N VAL D 210 -5.28 59.73 0.55
CA VAL D 210 -4.55 61.03 0.44
C VAL D 210 -4.89 61.79 -0.87
C1 NAG E . 18.99 30.89 -24.64
C2 NAG E . 18.36 30.39 -25.99
C3 NAG E . 19.07 29.11 -26.49
C4 NAG E . 20.58 29.25 -26.45
C5 NAG E . 21.02 29.65 -25.03
C6 NAG E . 22.55 29.60 -24.92
C7 NAG E . 15.97 30.14 -26.79
C8 NAG E . 14.61 29.66 -26.39
N2 NAG E . 16.93 30.02 -25.86
O3 NAG E . 18.64 28.75 -27.82
O4 NAG E . 21.17 28.01 -26.91
O5 NAG E . 20.44 30.94 -24.66
O6 NAG E . 23.15 28.53 -25.69
O7 NAG E . 16.10 30.61 -27.91
#